data_4YNQ
#
_entry.id   4YNQ
#
_cell.length_a   83.142
_cell.length_b   84.457
_cell.length_c   103.000
_cell.angle_alpha   90.000
_cell.angle_beta   102.150
_cell.angle_gamma   90.000
#
_symmetry.space_group_name_H-M   'P 1 21 1'
#
loop_
_entity.id
_entity.type
_entity.pdbx_description
1 polymer 'Three-prime repair exonuclease 1'
2 polymer 'DNA (24-MER)'
3 polymer "DNA (5'-D(P*GP*TP*GP*CP*TP*GP*AP*CP*GP*TP*CP*AP*GP*CP*AP*CP*GP*AP*CP*G)-3')"
4 non-polymer 'MAGNESIUM ION'
5 non-polymer "THYMIDINE-5'-PHOSPHATE"
6 water water
#
loop_
_entity_poly.entity_id
_entity_poly.type
_entity_poly.pdbx_seq_one_letter_code
_entity_poly.pdbx_strand_id
1 'polypeptide(L)'
;MGSQTLPHGHMQTLIFLNLEATGLPSSRPEVTELCLLAVHRRALENTSISQGHPPPVPRPPRVVDKLSLCIAPGKACSPG
ASEITGLSKAELEVQGRQRFDDNLAILLRAFLQRQPQPCCLVAHNGDRYDFPLLQTELARLSTPSPLDGTFCVDSIAALK
ALEQASSPSGNGSRKSYSLGSIYTRLYWQAPTDSHTAEGDVLTLLSICQWKPQALLQWVDEHARPFSTVKPMYGT
;
A,B,C,D
2 'polydeoxyribonucleotide'
;(DC)(DG)(DT)(DG)(DC)(DT)(DG)(DA)(DC)(DG)(DT)(DC)(DA)(DG)(DC)(DA)(DC)(DG)(DA)(DC)
(DG)
;
E,G
3 'polydeoxyribonucleotide' (DG)(DT)(DG)(DC)(DT)(DG)(DA)(DC)(DG)(DT)(DC)(DA)(DG)(DC)(DA)(DC)(DG)(DA)(DC)(DG) F,H
#
loop_
_chem_comp.id
_chem_comp.type
_chem_comp.name
_chem_comp.formula
DA DNA linking 2'-DEOXYADENOSINE-5'-MONOPHOSPHATE 'C10 H14 N5 O6 P'
DC DNA linking 2'-DEOXYCYTIDINE-5'-MONOPHOSPHATE 'C9 H14 N3 O7 P'
DG DNA linking 2'-DEOXYGUANOSINE-5'-MONOPHOSPHATE 'C10 H14 N5 O7 P'
DT DNA linking THYMIDINE-5'-MONOPHOSPHATE 'C10 H15 N2 O8 P'
MG non-polymer 'MAGNESIUM ION' 'Mg 2'
TMP non-polymer THYMIDINE-5'-PHOSPHATE 'C10 H15 N2 O8 P'
#
# COMPACT_ATOMS: atom_id res chain seq x y z
N THR A 5 -7.25 -11.79 8.80
CA THR A 5 -6.17 -10.79 8.48
C THR A 5 -6.70 -9.34 8.59
N LEU A 6 -7.74 -9.08 7.79
CA LEU A 6 -8.39 -7.78 7.64
C LEU A 6 -9.87 -8.14 7.71
N PRO A 7 -10.56 -7.74 8.81
CA PRO A 7 -12.01 -7.94 8.74
C PRO A 7 -12.58 -6.96 7.70
N HIS A 8 -13.39 -7.49 6.78
CA HIS A 8 -14.09 -6.68 5.78
C HIS A 8 -13.27 -6.21 4.56
N GLY A 9 -11.95 -6.45 4.54
CA GLY A 9 -11.12 -6.13 3.36
C GLY A 9 -10.54 -4.73 3.35
N HIS A 10 -9.96 -4.37 2.21
CA HIS A 10 -9.47 -3.02 1.96
C HIS A 10 -10.63 -2.06 1.68
N MET A 11 -10.70 -0.97 2.45
CA MET A 11 -11.70 0.10 2.25
C MET A 11 -11.40 0.87 0.98
N GLN A 12 -12.38 0.96 0.09
CA GLN A 12 -12.23 1.69 -1.16
C GLN A 12 -12.50 3.17 -1.01
N THR A 13 -13.42 3.54 -0.12
CA THR A 13 -13.74 4.94 0.12
C THR A 13 -13.65 5.24 1.60
N LEU A 14 -12.97 6.33 1.97
CA LEU A 14 -13.17 6.97 3.30
C LEU A 14 -14.16 8.10 3.15
N ILE A 15 -15.07 8.23 4.12
CA ILE A 15 -15.96 9.38 4.18
C ILE A 15 -15.71 10.03 5.49
N PHE A 16 -15.18 11.24 5.39
CA PHE A 16 -14.87 12.00 6.55
C PHE A 16 -16.19 12.69 6.95
N LEU A 17 -16.52 12.57 8.24
CA LEU A 17 -17.78 13.06 8.80
C LEU A 17 -17.57 13.95 10.00
N ASN A 18 -18.40 14.98 10.11
CA ASN A 18 -18.46 15.83 11.31
C ASN A 18 -19.83 16.45 11.46
N LEU A 19 -20.30 16.48 12.70
CA LEU A 19 -21.62 17.00 13.03
C LEU A 19 -21.47 18.20 13.92
N GLU A 20 -22.42 19.12 13.80
CA GLU A 20 -22.69 20.06 14.86
C GLU A 20 -24.05 19.74 15.45
N ALA A 21 -24.25 20.11 16.72
CA ALA A 21 -25.48 19.77 17.48
C ALA A 21 -25.89 20.77 18.56
N THR A 22 -27.08 20.52 19.12
CA THR A 22 -27.72 21.39 20.14
C THR A 22 -26.96 21.45 21.46
N GLY A 23 -26.23 20.39 21.77
CA GLY A 23 -25.41 20.33 22.99
C GLY A 23 -24.62 19.03 23.10
N LEU A 24 -24.40 18.59 24.33
CA LEU A 24 -23.54 17.43 24.59
C LEU A 24 -24.39 16.17 24.95
N PRO A 25 -23.76 14.98 25.03
CA PRO A 25 -24.45 13.70 25.29
C PRO A 25 -25.43 13.59 26.49
N SER A 26 -25.13 14.26 27.60
CA SER A 26 -26.14 14.36 28.68
C SER A 26 -27.50 14.89 28.16
N SER A 27 -27.44 15.88 27.25
CA SER A 27 -28.60 16.67 26.86
C SER A 27 -29.54 16.04 25.83
N ARG A 28 -29.29 14.82 25.39
CA ARG A 28 -30.11 14.19 24.35
C ARG A 28 -30.14 15.14 23.16
N PRO A 29 -28.96 15.41 22.57
CA PRO A 29 -28.84 16.51 21.63
C PRO A 29 -29.38 16.14 20.27
N GLU A 30 -29.63 17.17 19.47
CA GLU A 30 -30.06 16.97 18.09
C GLU A 30 -29.08 17.64 17.14
N VAL A 31 -29.04 17.14 15.91
CA VAL A 31 -28.04 17.51 14.94
C VAL A 31 -28.48 18.80 14.30
N THR A 32 -27.58 19.80 14.26
CA THR A 32 -27.84 21.11 13.64
C THR A 32 -27.23 21.29 12.24
N GLU A 33 -26.12 20.62 11.96
CA GLU A 33 -25.41 20.73 10.69
C GLU A 33 -24.59 19.45 10.46
N LEU A 34 -24.59 18.97 9.22
CA LEU A 34 -23.89 17.75 8.81
C LEU A 34 -22.96 17.98 7.63
N CYS A 35 -21.75 17.42 7.67
CA CYS A 35 -20.88 17.43 6.47
C CYS A 35 -20.19 16.08 6.16
N LEU A 36 -20.26 15.71 4.90
CA LEU A 36 -19.61 14.51 4.40
C LEU A 36 -18.61 14.87 3.32
N LEU A 37 -17.42 14.27 3.42
CA LEU A 37 -16.39 14.43 2.43
C LEU A 37 -15.84 13.07 2.10
N ALA A 38 -16.14 12.57 0.89
CA ALA A 38 -15.83 11.22 0.46
C ALA A 38 -14.61 11.20 -0.43
N VAL A 39 -13.61 10.44 -0.03
CA VAL A 39 -12.33 10.39 -0.74
C VAL A 39 -12.05 8.94 -1.07
N HIS A 40 -11.76 8.68 -2.34
CA HIS A 40 -11.35 7.35 -2.77
C HIS A 40 -9.93 7.03 -2.30
N ARG A 41 -9.72 5.74 -2.04
CA ARG A 41 -8.43 5.18 -1.56
C ARG A 41 -7.17 5.64 -2.29
N ARG A 42 -7.19 5.53 -3.61
CA ARG A 42 -6.13 6.05 -4.47
C ARG A 42 -5.87 7.51 -4.17
N ALA A 43 -6.92 8.33 -4.23
CA ALA A 43 -6.79 9.77 -4.00
C ALA A 43 -5.98 10.08 -2.77
N LEU A 44 -6.23 9.35 -1.71
CA LEU A 44 -5.49 9.53 -0.49
C LEU A 44 -4.06 8.96 -0.57
N GLU A 45 -3.87 7.77 -1.16
CA GLU A 45 -2.50 7.22 -1.41
C GLU A 45 -1.61 8.18 -2.22
N ASN A 46 -2.20 8.79 -3.25
CA ASN A 46 -1.50 9.76 -4.11
C ASN A 46 -1.23 11.14 -3.47
N THR A 47 -1.71 11.40 -2.24
CA THR A 47 -1.24 12.56 -1.44
C THR A 47 0.29 12.58 -1.45
N SER A 48 0.87 13.77 -1.68
CA SER A 48 2.33 13.93 -1.69
C SER A 48 2.94 13.69 -0.32
N ILE A 49 4.07 12.99 -0.32
CA ILE A 49 4.86 12.75 0.87
C ILE A 49 6.06 13.68 0.55
N SER A 50 5.95 14.95 0.96
CA SER A 50 7.10 15.90 0.95
C SER A 50 7.05 16.69 2.30
N GLN A 51 7.91 16.25 3.23
CA GLN A 51 7.86 16.57 4.64
C GLN A 51 9.24 17.05 5.11
N GLY A 52 9.36 18.33 5.46
CA GLY A 52 10.49 18.86 6.23
C GLY A 52 9.97 19.09 7.63
N HIS A 53 10.63 19.94 8.43
CA HIS A 53 9.95 20.50 9.62
C HIS A 53 9.72 22.05 9.52
N PRO A 54 8.47 22.53 9.67
CA PRO A 54 7.27 21.67 9.74
C PRO A 54 6.88 21.24 8.33
N PRO A 55 6.18 20.09 8.21
CA PRO A 55 5.69 19.79 6.88
C PRO A 55 4.50 20.69 6.52
N PRO A 56 4.34 21.03 5.23
CA PRO A 56 3.22 21.89 4.85
C PRO A 56 1.91 21.13 5.00
N VAL A 57 0.84 21.87 5.19
CA VAL A 57 -0.48 21.28 5.31
C VAL A 57 -0.77 20.63 3.95
N PRO A 58 -1.11 19.32 3.92
CA PRO A 58 -1.37 18.67 2.62
C PRO A 58 -2.51 19.32 1.90
N ARG A 59 -2.43 19.37 0.58
CA ARG A 59 -3.50 19.97 -0.20
C ARG A 59 -4.53 18.90 -0.42
N PRO A 60 -5.83 19.23 -0.26
CA PRO A 60 -6.85 18.19 -0.52
C PRO A 60 -6.75 17.60 -1.94
N PRO A 61 -7.21 16.35 -2.15
CA PRO A 61 -7.22 15.81 -3.49
C PRO A 61 -8.16 16.56 -4.43
N ARG A 62 -7.82 16.52 -5.71
CA ARG A 62 -8.67 17.07 -6.74
C ARG A 62 -10.04 16.46 -6.63
N VAL A 63 -10.09 15.13 -6.69
CA VAL A 63 -11.34 14.40 -6.80
C VAL A 63 -11.88 14.05 -5.43
N VAL A 64 -13.06 14.61 -5.16
CA VAL A 64 -13.73 14.57 -3.86
C VAL A 64 -15.24 14.75 -4.06
N ASP A 65 -16.05 14.00 -3.33
CA ASP A 65 -17.47 14.29 -3.24
C ASP A 65 -17.78 14.88 -1.86
N LYS A 66 -18.62 15.90 -1.83
CA LYS A 66 -18.85 16.66 -0.61
C LYS A 66 -20.31 17.01 -0.46
N LEU A 67 -20.78 16.90 0.77
CA LEU A 67 -22.15 17.25 1.16
C LEU A 67 -22.15 18.02 2.49
N SER A 68 -22.82 19.18 2.49
CA SER A 68 -22.83 20.09 3.62
C SER A 68 -24.26 20.55 3.79
N LEU A 69 -24.86 20.25 4.94
CA LEU A 69 -26.28 20.60 5.18
C LEU A 69 -26.51 21.17 6.55
N CYS A 70 -27.44 22.12 6.60
CA CYS A 70 -27.94 22.63 7.86
C CYS A 70 -29.32 22.10 8.10
N ILE A 71 -29.53 21.67 9.34
CA ILE A 71 -30.67 20.91 9.79
C ILE A 71 -31.31 21.65 10.97
N ALA A 72 -32.62 21.88 10.91
CA ALA A 72 -33.39 22.48 12.00
C ALA A 72 -33.64 21.41 13.07
N PRO A 73 -33.27 21.71 14.32
CA PRO A 73 -33.50 20.78 15.42
C PRO A 73 -34.90 20.97 15.97
N GLY A 74 -35.37 20.01 16.74
CA GLY A 74 -36.68 20.08 17.42
C GLY A 74 -36.68 20.71 18.81
N LYS A 75 -35.54 21.25 19.20
CA LYS A 75 -35.37 21.89 20.48
C LYS A 75 -34.28 22.94 20.30
N ALA A 76 -34.24 23.90 21.21
CA ALA A 76 -33.21 24.94 21.23
C ALA A 76 -31.80 24.39 21.47
N CYS A 77 -30.82 25.20 21.08
CA CYS A 77 -29.41 24.93 21.36
C CYS A 77 -29.09 25.49 22.70
N SER A 78 -28.12 24.91 23.37
CA SER A 78 -27.64 25.51 24.60
C SER A 78 -26.93 26.79 24.22
N PRO A 79 -26.95 27.82 25.10
CA PRO A 79 -26.19 29.05 24.81
C PRO A 79 -24.75 28.74 24.44
N GLY A 80 -24.17 27.76 25.13
CA GLY A 80 -22.82 27.28 24.88
C GLY A 80 -22.64 26.79 23.47
N ALA A 81 -23.51 25.88 23.02
CA ALA A 81 -23.42 25.34 21.66
C ALA A 81 -23.66 26.40 20.61
N SER A 82 -24.70 27.22 20.79
CA SER A 82 -25.02 28.31 19.86
C SER A 82 -23.95 29.40 19.72
N GLU A 83 -23.14 29.58 20.76
CA GLU A 83 -21.98 30.46 20.71
C GLU A 83 -20.93 29.89 19.74
N ILE A 84 -20.52 28.66 20.01
CA ILE A 84 -19.30 28.14 19.40
C ILE A 84 -19.54 27.75 17.92
N THR A 85 -20.77 27.29 17.59
CA THR A 85 -21.13 26.89 16.22
C THR A 85 -21.59 28.05 15.35
N GLY A 86 -22.10 29.11 15.95
CA GLY A 86 -22.61 30.23 15.20
C GLY A 86 -23.99 29.95 14.65
N LEU A 87 -24.64 28.90 15.14
CA LEU A 87 -25.96 28.47 14.67
C LEU A 87 -26.98 28.64 15.80
N SER A 88 -28.26 28.73 15.45
CA SER A 88 -29.34 28.73 16.44
C SER A 88 -30.65 28.30 15.79
N LYS A 89 -31.52 27.67 16.58
CA LYS A 89 -32.80 27.12 16.08
C LYS A 89 -33.70 28.19 15.50
N ALA A 90 -33.66 29.38 16.10
CA ALA A 90 -34.40 30.54 15.60
C ALA A 90 -33.99 30.86 14.17
N GLU A 91 -32.68 30.88 13.93
CA GLU A 91 -32.13 31.32 12.66
C GLU A 91 -32.31 30.26 11.57
N LEU A 92 -32.07 29.01 11.92
CA LEU A 92 -32.32 27.90 11.00
C LEU A 92 -33.78 27.87 10.56
N GLU A 93 -34.71 28.19 11.47
CA GLU A 93 -36.14 28.14 11.17
C GLU A 93 -36.64 29.35 10.38
N VAL A 94 -36.05 30.52 10.58
CA VAL A 94 -36.40 31.67 9.73
C VAL A 94 -35.83 31.49 8.32
N GLN A 95 -34.76 30.69 8.20
CA GLN A 95 -34.18 30.29 6.90
C GLN A 95 -34.75 29.01 6.27
N GLY A 96 -35.79 28.43 6.87
CA GLY A 96 -36.59 27.39 6.21
C GLY A 96 -35.95 26.03 6.15
N ARG A 97 -34.96 25.81 7.01
CA ARG A 97 -34.29 24.51 7.12
C ARG A 97 -35.25 23.50 7.71
N GLN A 98 -35.10 22.26 7.29
CA GLN A 98 -35.99 21.19 7.71
C GLN A 98 -35.39 20.38 8.84
N ARG A 99 -36.23 19.54 9.42
CA ARG A 99 -35.83 18.57 10.40
C ARG A 99 -35.02 17.46 9.77
N PHE A 100 -34.45 16.61 10.61
CA PHE A 100 -33.81 15.39 10.18
C PHE A 100 -34.93 14.41 9.80
N ASP A 101 -35.34 14.40 8.53
CA ASP A 101 -36.49 13.61 8.04
C ASP A 101 -36.11 12.49 7.02
N ASP A 102 -37.11 11.72 6.57
CA ASP A 102 -36.91 10.62 5.62
C ASP A 102 -36.23 11.13 4.38
N ASN A 103 -36.60 12.35 3.96
CA ASN A 103 -36.01 12.94 2.78
C ASN A 103 -34.51 13.09 2.91
N LEU A 104 -34.04 13.55 4.07
CA LEU A 104 -32.62 13.61 4.33
C LEU A 104 -31.97 12.25 4.32
N ALA A 105 -32.67 11.24 4.81
CA ALA A 105 -32.16 9.87 4.67
C ALA A 105 -32.00 9.45 3.19
N ILE A 106 -32.96 9.81 2.35
CA ILE A 106 -32.87 9.42 0.92
C ILE A 106 -31.63 10.05 0.24
N LEU A 107 -31.40 11.32 0.56
CA LEU A 107 -30.20 12.07 0.16
C LEU A 107 -28.95 11.34 0.59
N LEU A 108 -28.81 11.02 1.87
CA LEU A 108 -27.61 10.35 2.37
C LEU A 108 -27.38 9.00 1.75
N ARG A 109 -28.45 8.25 1.55
CA ARG A 109 -28.34 6.97 0.86
C ARG A 109 -27.74 7.15 -0.53
N ALA A 110 -28.31 8.08 -1.30
CA ALA A 110 -27.85 8.28 -2.66
C ALA A 110 -26.39 8.77 -2.72
N PHE A 111 -26.02 9.65 -1.80
CA PHE A 111 -24.63 10.08 -1.71
C PHE A 111 -23.71 8.89 -1.49
N LEU A 112 -24.09 8.01 -0.58
CA LEU A 112 -23.26 6.86 -0.25
C LEU A 112 -23.24 5.83 -1.37
N GLN A 113 -24.35 5.67 -2.06
CA GLN A 113 -24.39 4.71 -3.16
C GLN A 113 -23.55 5.16 -4.34
N ARG A 114 -23.13 6.44 -4.38
CA ARG A 114 -22.13 6.91 -5.37
C ARG A 114 -20.67 6.55 -5.04
N GLN A 115 -20.41 6.09 -3.81
CA GLN A 115 -19.06 5.72 -3.42
C GLN A 115 -18.84 4.23 -3.53
N PRO A 116 -17.70 3.81 -4.12
CA PRO A 116 -17.42 2.39 -4.23
C PRO A 116 -17.16 1.69 -2.89
N GLN A 117 -17.69 0.48 -2.76
CA GLN A 117 -17.64 -0.30 -1.52
C GLN A 117 -16.40 -1.22 -1.49
N PRO A 118 -15.91 -1.61 -0.30
CA PRO A 118 -16.43 -1.13 0.98
C PRO A 118 -16.03 0.31 1.30
N CYS A 119 -16.62 0.82 2.37
CA CYS A 119 -16.79 2.24 2.58
C CYS A 119 -16.79 2.49 4.05
N CYS A 120 -15.86 3.31 4.54
CA CYS A 120 -15.72 3.55 5.97
C CYS A 120 -15.90 5.00 6.37
N LEU A 121 -16.71 5.25 7.38
CA LEU A 121 -16.88 6.60 7.90
C LEU A 121 -15.77 6.92 8.88
N VAL A 122 -15.38 8.19 8.94
CA VAL A 122 -14.24 8.65 9.75
C VAL A 122 -14.57 9.97 10.44
N ALA A 123 -14.62 9.93 11.77
CA ALA A 123 -15.05 11.07 12.56
C ALA A 123 -14.25 11.14 13.85
N HIS A 124 -13.83 12.36 14.17
CA HIS A 124 -13.03 12.60 15.35
C HIS A 124 -13.96 12.47 16.54
N ASN A 125 -13.61 11.51 17.42
CA ASN A 125 -14.37 11.13 18.60
C ASN A 125 -15.73 10.55 18.18
N GLY A 126 -15.74 9.89 17.03
CA GLY A 126 -16.98 9.41 16.43
C GLY A 126 -17.64 8.24 17.13
N ASP A 127 -16.83 7.37 17.75
CA ASP A 127 -17.31 6.27 18.62
C ASP A 127 -18.16 6.83 19.76
N ARG A 128 -17.74 7.93 20.37
CA ARG A 128 -18.45 8.49 21.51
C ARG A 128 -19.51 9.52 21.09
N TYR A 129 -19.35 10.20 19.97
CA TYR A 129 -20.26 11.30 19.64
C TYR A 129 -21.07 11.23 18.37
N ASP A 130 -20.39 11.20 17.24
CA ASP A 130 -21.03 11.46 15.94
C ASP A 130 -21.80 10.23 15.53
N PHE A 131 -21.20 9.04 15.71
CA PHE A 131 -21.84 7.80 15.29
C PHE A 131 -23.07 7.38 16.13
N PRO A 132 -22.96 7.41 17.49
CA PRO A 132 -24.18 7.21 18.28
C PRO A 132 -25.29 8.21 17.97
N LEU A 133 -24.96 9.48 17.92
CA LEU A 133 -25.96 10.51 17.63
C LEU A 133 -26.68 10.26 16.33
N LEU A 134 -25.91 9.91 15.31
CA LEU A 134 -26.43 9.75 13.97
C LEU A 134 -27.32 8.56 13.96
N GLN A 135 -26.89 7.52 14.66
CA GLN A 135 -27.64 6.27 14.81
C GLN A 135 -29.03 6.51 15.44
N THR A 136 -29.06 7.35 16.46
CA THR A 136 -30.31 7.78 17.11
C THR A 136 -31.20 8.52 16.14
N GLU A 137 -30.65 9.54 15.50
CA GLU A 137 -31.41 10.38 14.58
C GLU A 137 -32.05 9.57 13.49
N LEU A 138 -31.31 8.56 13.01
CA LEU A 138 -31.73 7.63 11.94
C LEU A 138 -32.71 6.52 12.33
N ALA A 139 -32.60 6.00 13.56
CA ALA A 139 -33.57 5.01 14.06
C ALA A 139 -34.99 5.57 14.13
N ARG A 140 -35.12 6.85 14.51
CA ARG A 140 -36.39 7.59 14.56
C ARG A 140 -37.22 7.48 13.26
N LEU A 141 -36.55 7.29 12.13
CA LEU A 141 -37.17 7.39 10.80
C LEU A 141 -37.83 6.09 10.31
N SER A 142 -38.82 6.26 9.43
CA SER A 142 -39.54 5.15 8.80
C SER A 142 -38.69 4.34 7.80
N THR A 143 -37.66 4.95 7.19
CA THR A 143 -36.92 4.31 6.09
C THR A 143 -35.94 3.30 6.71
N PRO A 144 -35.32 2.45 5.88
CA PRO A 144 -34.18 1.64 6.34
C PRO A 144 -32.85 2.41 6.35
N SER A 145 -31.97 2.10 7.29
CA SER A 145 -30.76 2.90 7.47
C SER A 145 -30.03 3.08 6.14
N PRO A 146 -29.70 4.34 5.78
CA PRO A 146 -28.78 4.54 4.68
C PRO A 146 -27.40 4.02 4.95
N LEU A 147 -27.04 3.91 6.22
CA LEU A 147 -25.71 3.48 6.60
C LEU A 147 -25.49 1.97 6.79
N ASP A 148 -26.49 1.14 6.53
CA ASP A 148 -26.27 -0.32 6.59
C ASP A 148 -25.30 -0.77 5.50
N GLY A 149 -24.37 -1.66 5.88
CA GLY A 149 -23.27 -2.07 5.01
C GLY A 149 -22.05 -1.17 5.01
N THR A 150 -22.14 -0.04 5.73
CA THR A 150 -21.06 0.93 5.81
C THR A 150 -20.28 0.60 7.07
N PHE A 151 -18.99 0.90 7.06
CA PHE A 151 -18.14 0.68 8.24
C PHE A 151 -17.77 2.03 8.87
N CYS A 152 -17.17 1.99 10.05
CA CYS A 152 -16.73 3.22 10.70
C CYS A 152 -15.53 3.02 11.61
N VAL A 153 -14.76 4.10 11.76
CA VAL A 153 -13.61 4.19 12.68
C VAL A 153 -13.49 5.59 13.28
N ASP A 154 -12.80 5.67 14.42
CA ASP A 154 -12.58 6.92 15.16
C ASP A 154 -11.17 7.40 14.92
N SER A 155 -11.02 8.66 14.53
CA SER A 155 -9.70 9.18 14.15
C SER A 155 -8.77 9.44 15.33
N ILE A 156 -9.32 9.58 16.54
CA ILE A 156 -8.51 9.69 17.75
C ILE A 156 -7.63 8.44 17.93
N ALA A 157 -8.26 7.27 17.95
CA ALA A 157 -7.50 6.01 17.99
C ALA A 157 -6.51 5.87 16.82
N ALA A 158 -6.89 6.31 15.61
CA ALA A 158 -6.02 6.27 14.45
C ALA A 158 -4.75 7.07 14.67
N LEU A 159 -4.96 8.31 15.09
CA LEU A 159 -3.84 9.23 15.31
C LEU A 159 -3.01 8.92 16.54
N LYS A 160 -3.63 8.38 17.60
CA LYS A 160 -2.89 7.82 18.75
C LYS A 160 -1.94 6.73 18.32
N ALA A 161 -2.48 5.77 17.57
CA ALA A 161 -1.70 4.70 17.00
C ALA A 161 -0.54 5.28 16.20
N LEU A 162 -0.84 6.22 15.30
CA LEU A 162 0.19 6.78 14.39
C LEU A 162 1.30 7.57 15.08
N GLU A 163 1.02 8.15 16.26
CA GLU A 163 2.02 8.87 17.03
C GLU A 163 2.83 7.89 17.94
N GLN A 164 2.81 6.60 17.58
CA GLN A 164 3.91 5.65 17.87
C GLN A 164 5.09 5.63 16.84
N ALA A 165 5.21 6.69 16.03
CA ALA A 165 6.46 7.01 15.31
C ALA A 165 7.54 7.72 16.13
N SER A 166 7.20 8.11 17.36
CA SER A 166 8.18 8.58 18.36
C SER A 166 7.70 8.12 19.75
N ASN A 171 7.41 10.42 23.25
CA ASN A 171 7.72 10.32 24.68
C ASN A 171 8.21 11.65 25.30
N GLY A 172 7.28 12.57 25.54
CA GLY A 172 7.51 13.75 26.36
C GLY A 172 6.45 13.71 27.43
N SER A 173 5.56 14.71 27.45
CA SER A 173 4.35 14.68 28.27
C SER A 173 3.26 13.90 27.53
N ARG A 174 2.22 13.51 28.28
CA ARG A 174 0.98 12.98 27.68
C ARG A 174 0.22 14.15 27.05
N LYS A 175 -0.08 14.00 25.75
CA LYS A 175 -0.49 15.11 24.92
C LYS A 175 -1.93 14.90 24.42
N SER A 176 -2.60 16.02 24.11
CA SER A 176 -4.00 16.02 23.73
C SER A 176 -4.21 15.49 22.32
N TYR A 177 -5.38 14.85 22.15
CA TYR A 177 -5.85 14.39 20.85
C TYR A 177 -7.15 15.09 20.44
N SER A 178 -7.35 16.31 20.93
CA SER A 178 -8.42 17.12 20.39
C SER A 178 -8.04 17.47 18.96
N LEU A 179 -9.02 17.61 18.10
CA LEU A 179 -8.78 17.95 16.72
C LEU A 179 -7.63 18.99 16.58
N GLY A 180 -7.83 20.14 17.23
CA GLY A 180 -6.93 21.28 17.11
C GLY A 180 -5.53 21.01 17.61
N SER A 181 -5.45 20.39 18.78
CA SER A 181 -4.15 20.08 19.41
C SER A 181 -3.26 19.25 18.48
N ILE A 182 -3.89 18.28 17.80
CA ILE A 182 -3.23 17.40 16.87
C ILE A 182 -2.77 18.21 15.68
N TYR A 183 -3.68 18.97 15.08
CA TYR A 183 -3.33 19.75 13.89
C TYR A 183 -2.12 20.64 14.17
N THR A 184 -2.20 21.38 15.25
CA THR A 184 -1.14 22.30 15.59
C THR A 184 0.13 21.53 15.88
N ARG A 185 0.07 20.45 16.66
CA ARG A 185 1.26 19.61 16.91
C ARG A 185 1.99 19.13 15.62
N LEU A 186 1.20 18.74 14.61
CA LEU A 186 1.71 18.20 13.36
C LEU A 186 2.15 19.30 12.39
N TYR A 187 1.39 20.39 12.28
CA TYR A 187 1.68 21.41 11.26
C TYR A 187 2.17 22.80 11.78
N TRP A 188 2.10 23.00 13.08
CA TRP A 188 2.52 24.24 13.74
C TRP A 188 1.84 25.52 13.28
N GLN A 189 0.56 25.38 12.96
CA GLN A 189 -0.32 26.51 12.66
C GLN A 189 -1.65 26.29 13.39
N ALA A 190 -2.39 27.36 13.59
CA ALA A 190 -3.76 27.22 14.03
C ALA A 190 -4.57 26.73 12.81
N PRO A 191 -5.57 25.85 13.05
CA PRO A 191 -6.54 25.53 12.00
C PRO A 191 -7.59 26.62 11.86
N THR A 192 -8.52 26.45 10.93
CA THR A 192 -9.47 27.52 10.59
C THR A 192 -10.88 27.04 10.31
N ASP A 193 -11.79 28.02 10.35
CA ASP A 193 -13.24 27.83 10.36
C ASP A 193 -13.63 26.79 11.42
N SER A 194 -13.30 27.12 12.67
CA SER A 194 -13.54 26.23 13.80
C SER A 194 -15.03 26.10 14.13
N HIS A 195 -15.40 24.89 14.53
CA HIS A 195 -16.77 24.52 14.89
C HIS A 195 -17.82 24.92 13.83
N THR A 196 -17.46 24.71 12.57
CA THR A 196 -18.40 24.66 11.47
C THR A 196 -18.15 23.28 10.94
N ALA A 197 -19.22 22.61 10.54
CA ALA A 197 -19.15 21.23 10.18
C ALA A 197 -18.05 20.95 9.16
N GLU A 198 -18.05 21.74 8.10
CA GLU A 198 -17.18 21.53 6.95
C GLU A 198 -15.76 21.90 7.32
N GLY A 199 -15.60 23.00 8.03
CA GLY A 199 -14.30 23.45 8.46
C GLY A 199 -13.49 22.40 9.21
N ASP A 200 -14.15 21.79 10.20
CA ASP A 200 -13.51 20.76 11.03
C ASP A 200 -13.33 19.48 10.22
N VAL A 201 -14.26 19.19 9.30
CA VAL A 201 -14.07 18.09 8.36
C VAL A 201 -12.78 18.26 7.56
N LEU A 202 -12.48 19.49 7.11
CA LEU A 202 -11.27 19.74 6.33
C LEU A 202 -9.96 19.66 7.16
N THR A 203 -10.02 20.17 8.39
CA THR A 203 -8.95 19.98 9.40
C THR A 203 -8.69 18.49 9.58
N LEU A 204 -9.75 17.73 9.84
CA LEU A 204 -9.65 16.29 10.02
C LEU A 204 -8.97 15.60 8.84
N LEU A 205 -9.47 15.91 7.65
CA LEU A 205 -8.85 15.43 6.42
C LEU A 205 -7.35 15.70 6.41
N SER A 206 -6.95 16.92 6.78
CA SER A 206 -5.53 17.30 6.81
C SER A 206 -4.68 16.45 7.74
N ILE A 207 -5.19 16.18 8.95
CA ILE A 207 -4.48 15.29 9.88
C ILE A 207 -4.45 13.83 9.37
N CYS A 208 -5.51 13.35 8.76
CA CYS A 208 -5.46 12.02 8.18
C CYS A 208 -4.51 11.92 6.99
N GLN A 209 -4.33 13.01 6.24
CA GLN A 209 -3.38 13.05 5.12
C GLN A 209 -1.87 13.15 5.50
N TRP A 210 -1.58 13.32 6.79
CA TRP A 210 -0.22 13.40 7.34
C TRP A 210 0.61 12.20 6.98
N LYS A 211 0.04 11.01 7.19
CA LYS A 211 0.67 9.72 6.85
C LYS A 211 -0.35 8.77 6.20
N PRO A 212 -0.73 9.06 4.94
CA PRO A 212 -1.86 8.41 4.27
C PRO A 212 -1.81 6.88 4.27
N GLN A 213 -0.69 6.35 3.77
CA GLN A 213 -0.41 4.90 3.73
C GLN A 213 -0.66 4.19 5.09
N ALA A 214 -0.23 4.82 6.17
CA ALA A 214 -0.28 4.23 7.50
C ALA A 214 -1.69 4.25 8.03
N LEU A 215 -2.36 5.38 7.78
CA LEU A 215 -3.77 5.55 8.11
C LEU A 215 -4.64 4.48 7.45
N LEU A 216 -4.52 4.31 6.14
CA LEU A 216 -5.37 3.35 5.44
C LEU A 216 -5.18 1.97 6.03
N GLN A 217 -3.92 1.57 6.18
CA GLN A 217 -3.57 0.30 6.82
C GLN A 217 -4.36 0.12 8.12
N TRP A 218 -4.29 1.13 8.98
CA TRP A 218 -4.96 1.10 10.29
C TRP A 218 -6.47 1.10 10.17
N VAL A 219 -7.00 1.85 9.20
CA VAL A 219 -8.45 1.89 8.98
C VAL A 219 -8.92 0.49 8.56
N ASP A 220 -8.16 -0.10 7.63
CA ASP A 220 -8.41 -1.47 7.19
C ASP A 220 -8.40 -2.46 8.35
N GLU A 221 -7.49 -2.28 9.29
CA GLU A 221 -7.43 -3.16 10.46
C GLU A 221 -8.57 -2.97 11.46
N HIS A 222 -9.00 -1.74 11.70
CA HIS A 222 -9.96 -1.46 12.77
C HIS A 222 -11.38 -1.14 12.36
N ALA A 223 -11.64 -1.04 11.06
CA ALA A 223 -12.99 -0.74 10.56
C ALA A 223 -14.03 -1.69 11.14
N ARG A 224 -15.16 -1.15 11.62
CA ARG A 224 -16.29 -1.96 12.11
C ARG A 224 -17.62 -1.43 11.58
N PRO A 225 -18.64 -2.32 11.48
CA PRO A 225 -19.88 -1.93 10.81
C PRO A 225 -20.60 -0.86 11.56
N PHE A 226 -21.18 0.08 10.85
CA PHE A 226 -21.98 1.09 11.50
C PHE A 226 -23.17 0.49 12.20
N SER A 227 -23.74 -0.58 11.62
CA SER A 227 -24.91 -1.25 12.23
C SER A 227 -24.70 -1.74 13.68
N THR A 228 -23.45 -1.89 14.13
CA THR A 228 -23.15 -2.27 15.54
C THR A 228 -23.08 -1.14 16.54
N VAL A 229 -23.00 0.11 16.07
CA VAL A 229 -22.91 1.30 16.92
C VAL A 229 -24.25 1.47 17.59
N LYS A 230 -24.24 1.59 18.91
CA LYS A 230 -25.47 1.76 19.69
C LYS A 230 -25.86 3.23 19.85
N PRO A 231 -27.16 3.53 19.75
CA PRO A 231 -27.62 4.92 19.82
C PRO A 231 -27.26 5.63 21.11
N MET A 232 -26.89 6.90 21.00
CA MET A 232 -26.63 7.76 22.16
C MET A 232 -27.81 7.64 23.12
N TYR A 233 -29.03 7.83 22.61
CA TYR A 233 -30.27 7.70 23.39
C TYR A 233 -31.46 7.14 22.59
N GLY A 234 -32.58 6.89 23.27
CA GLY A 234 -33.77 6.28 22.64
C GLY A 234 -34.99 7.16 22.73
N THR A 235 -36.17 6.57 22.87
CA THR A 235 -37.44 7.31 22.92
C THR A 235 -38.43 6.63 23.85
N THR B 5 -44.92 43.41 -12.76
CA THR B 5 -45.25 42.40 -11.70
C THR B 5 -43.98 41.61 -11.26
N LEU B 6 -44.20 40.49 -10.58
CA LEU B 6 -43.19 39.45 -10.30
C LEU B 6 -43.81 38.09 -10.68
N PRO B 7 -43.38 37.53 -11.83
CA PRO B 7 -44.09 36.41 -12.44
C PRO B 7 -44.25 35.15 -11.59
N HIS B 8 -43.32 34.88 -10.66
CA HIS B 8 -43.39 33.64 -9.81
C HIS B 8 -43.20 33.85 -8.31
N GLY B 9 -43.23 35.10 -7.88
CA GLY B 9 -43.10 35.44 -6.47
C GLY B 9 -41.67 35.82 -6.13
N HIS B 10 -41.45 36.10 -4.86
CA HIS B 10 -40.10 36.24 -4.31
C HIS B 10 -39.43 34.86 -4.24
N MET B 11 -38.23 34.76 -4.76
CA MET B 11 -37.46 33.55 -4.61
C MET B 11 -36.97 33.45 -3.20
N GLN B 12 -37.27 32.33 -2.56
CA GLN B 12 -36.85 32.04 -1.18
C GLN B 12 -35.47 31.41 -1.07
N THR B 13 -35.06 30.68 -2.10
CA THR B 13 -33.71 30.11 -2.17
C THR B 13 -33.07 30.44 -3.50
N LEU B 14 -31.79 30.85 -3.43
CA LEU B 14 -30.90 30.82 -4.59
C LEU B 14 -29.92 29.66 -4.51
N ILE B 15 -29.89 28.86 -5.56
CA ILE B 15 -28.93 27.79 -5.67
C ILE B 15 -27.95 28.21 -6.72
N PHE B 16 -26.72 28.47 -6.29
CA PHE B 16 -25.68 28.83 -7.20
C PHE B 16 -25.18 27.51 -7.73
N LEU B 17 -24.96 27.47 -9.06
CA LEU B 17 -24.57 26.25 -9.80
C LEU B 17 -23.38 26.44 -10.78
N ASN B 18 -22.58 25.39 -10.93
CA ASN B 18 -21.51 25.35 -11.91
C ASN B 18 -21.16 23.94 -12.27
N LEU B 19 -20.91 23.73 -13.57
CA LEU B 19 -20.50 22.45 -14.17
C LEU B 19 -19.10 22.49 -14.73
N GLU B 20 -18.43 21.35 -14.69
CA GLU B 20 -17.32 21.10 -15.59
C GLU B 20 -17.74 19.92 -16.44
N ALA B 21 -17.21 19.87 -17.65
CA ALA B 21 -17.61 18.90 -18.68
C ALA B 21 -16.42 18.38 -19.48
N THR B 22 -16.69 17.57 -20.49
CA THR B 22 -15.65 17.02 -21.37
C THR B 22 -15.21 17.99 -22.49
N GLY B 23 -16.00 19.02 -22.78
CA GLY B 23 -15.58 20.01 -23.75
C GLY B 23 -16.57 21.12 -23.90
N LEU B 24 -16.74 21.55 -25.14
CA LEU B 24 -17.52 22.72 -25.52
C LEU B 24 -18.73 22.30 -26.36
N PRO B 25 -19.77 23.16 -26.46
CA PRO B 25 -21.06 22.77 -27.08
C PRO B 25 -21.08 22.02 -28.44
N SER B 26 -20.09 22.27 -29.28
CA SER B 26 -20.03 21.61 -30.60
C SER B 26 -19.60 20.13 -30.49
N SER B 27 -18.73 19.79 -29.54
CA SER B 27 -18.60 18.39 -29.08
C SER B 27 -19.94 18.18 -28.44
N ARG B 28 -20.32 16.96 -28.13
CA ARG B 28 -21.61 16.82 -27.48
C ARG B 28 -21.07 16.43 -26.12
N PRO B 29 -20.95 17.41 -25.23
CA PRO B 29 -20.09 17.19 -24.08
C PRO B 29 -20.94 16.55 -22.98
N GLU B 30 -20.25 16.02 -21.96
CA GLU B 30 -20.88 15.34 -20.83
C GLU B 30 -20.24 15.88 -19.59
N VAL B 31 -20.99 15.81 -18.49
CA VAL B 31 -20.65 16.50 -17.27
C VAL B 31 -19.71 15.63 -16.49
N THR B 32 -18.63 16.26 -16.02
CA THR B 32 -17.59 15.61 -15.27
C THR B 32 -17.59 16.00 -13.77
N GLU B 33 -18.14 17.16 -13.44
CA GLU B 33 -18.16 17.67 -12.06
C GLU B 33 -19.31 18.68 -11.92
N LEU B 34 -19.93 18.72 -10.74
CA LEU B 34 -21.17 19.48 -10.53
C LEU B 34 -21.19 19.98 -9.11
N CYS B 35 -21.35 21.29 -8.94
CA CYS B 35 -21.47 21.88 -7.58
C CYS B 35 -22.74 22.73 -7.47
N LEU B 36 -23.44 22.54 -6.35
CA LEU B 36 -24.63 23.30 -6.01
C LEU B 36 -24.38 23.92 -4.70
N LEU B 37 -24.71 25.20 -4.57
CA LEU B 37 -24.52 25.90 -3.30
C LEU B 37 -25.77 26.68 -2.96
N ALA B 38 -26.55 26.21 -2.00
CA ALA B 38 -27.88 26.76 -1.76
C ALA B 38 -27.89 27.76 -0.62
N VAL B 39 -28.32 28.98 -0.91
CA VAL B 39 -28.37 30.05 0.07
C VAL B 39 -29.76 30.63 0.13
N HIS B 40 -30.28 30.74 1.36
CA HIS B 40 -31.60 31.31 1.59
C HIS B 40 -31.57 32.83 1.40
N ARG B 41 -32.73 33.35 1.02
CA ARG B 41 -32.94 34.77 0.78
C ARG B 41 -32.41 35.65 1.90
N ARG B 42 -32.91 35.42 3.10
CA ARG B 42 -32.48 36.14 4.28
C ARG B 42 -30.97 36.10 4.49
N ALA B 43 -30.36 34.93 4.27
CA ALA B 43 -28.89 34.77 4.40
C ALA B 43 -28.12 35.65 3.44
N LEU B 44 -28.70 35.88 2.27
CA LEU B 44 -28.11 36.80 1.30
C LEU B 44 -28.33 38.25 1.74
N GLU B 45 -29.56 38.62 2.09
CA GLU B 45 -29.86 39.97 2.59
C GLU B 45 -29.03 40.36 3.82
N ASN B 46 -28.76 39.41 4.71
CA ASN B 46 -27.91 39.67 5.88
C ASN B 46 -26.39 39.80 5.60
N THR B 47 -25.98 39.70 4.32
CA THR B 47 -24.61 40.06 3.88
C THR B 47 -24.28 41.53 4.20
N SER B 48 -23.09 41.75 4.74
CA SER B 48 -22.62 43.08 5.12
C SER B 48 -22.33 43.96 3.90
N ILE B 49 -22.68 45.24 4.02
CA ILE B 49 -22.83 46.14 2.86
C ILE B 49 -21.47 46.55 2.27
N SER B 50 -21.33 46.42 0.96
CA SER B 50 -20.11 46.84 0.25
C SER B 50 -19.89 48.36 0.27
N GLN B 51 -18.71 48.79 0.73
CA GLN B 51 -18.33 50.21 0.77
C GLN B 51 -16.82 50.34 0.59
N GLY B 52 -16.36 51.53 0.21
CA GLY B 52 -14.93 51.76 -0.04
C GLY B 52 -14.54 51.23 -1.39
N HIS B 53 -13.31 51.53 -1.83
CA HIS B 53 -12.88 51.28 -3.23
C HIS B 53 -11.46 50.70 -3.36
N PRO B 54 -11.31 49.41 -3.59
CA PRO B 54 -12.41 48.45 -3.71
C PRO B 54 -13.02 48.09 -2.36
N PRO B 55 -14.24 47.52 -2.37
CA PRO B 55 -14.74 46.86 -1.17
C PRO B 55 -14.07 45.50 -0.98
N PRO B 56 -14.05 44.98 0.27
CA PRO B 56 -13.51 43.64 0.49
C PRO B 56 -14.45 42.58 -0.08
N VAL B 57 -13.87 41.43 -0.37
CA VAL B 57 -14.63 40.29 -0.83
C VAL B 57 -15.57 39.91 0.32
N PRO B 58 -16.90 39.87 0.08
CA PRO B 58 -17.81 39.50 1.16
C PRO B 58 -17.51 38.11 1.67
N ARG B 59 -17.85 37.88 2.94
CA ARG B 59 -17.62 36.58 3.52
C ARG B 59 -18.90 35.77 3.31
N PRO B 60 -18.78 34.49 2.88
CA PRO B 60 -20.00 33.70 2.66
C PRO B 60 -20.89 33.64 3.91
N PRO B 61 -22.22 33.48 3.74
CA PRO B 61 -23.06 33.29 4.91
C PRO B 61 -22.71 32.04 5.71
N ARG B 62 -23.10 32.04 6.96
CA ARG B 62 -22.88 30.92 7.84
C ARG B 62 -23.71 29.75 7.36
N VAL B 63 -24.98 29.99 7.09
CA VAL B 63 -25.95 28.94 6.75
C VAL B 63 -26.12 28.69 5.23
N VAL B 64 -25.65 27.52 4.79
CA VAL B 64 -25.45 27.20 3.39
C VAL B 64 -25.59 25.69 3.28
N ASP B 65 -26.28 25.21 2.26
CA ASP B 65 -26.27 23.78 1.94
C ASP B 65 -25.42 23.66 0.70
N LYS B 66 -24.47 22.73 0.71
CA LYS B 66 -23.49 22.60 -0.38
C LYS B 66 -23.37 21.14 -0.84
N LEU B 67 -23.36 20.96 -2.16
CA LEU B 67 -23.15 19.65 -2.80
C LEU B 67 -22.11 19.74 -3.90
N SER B 68 -21.08 18.89 -3.83
CA SER B 68 -20.03 18.77 -4.87
C SER B 68 -19.80 17.31 -5.21
N LEU B 69 -19.98 16.95 -6.47
CA LEU B 69 -19.80 15.59 -6.93
C LEU B 69 -18.95 15.55 -8.19
N CYS B 70 -18.04 14.58 -8.26
CA CYS B 70 -17.37 14.24 -9.51
C CYS B 70 -18.09 13.05 -10.15
N ILE B 71 -18.14 13.11 -11.48
CA ILE B 71 -19.01 12.29 -12.30
C ILE B 71 -18.17 11.75 -13.46
N ALA B 72 -18.26 10.44 -13.72
CA ALA B 72 -17.56 9.82 -14.82
C ALA B 72 -18.36 10.04 -16.11
N PRO B 73 -17.73 10.64 -17.13
CA PRO B 73 -18.43 10.76 -18.40
C PRO B 73 -18.34 9.44 -19.18
N GLY B 74 -19.13 9.37 -20.27
CA GLY B 74 -19.14 8.26 -21.21
C GLY B 74 -18.15 8.35 -22.36
N LYS B 75 -17.38 9.43 -22.39
CA LYS B 75 -16.43 9.72 -23.46
C LYS B 75 -15.31 10.57 -22.89
N ALA B 76 -14.24 10.66 -23.65
CA ALA B 76 -13.04 11.29 -23.17
C ALA B 76 -13.24 12.79 -23.09
N CYS B 77 -12.42 13.40 -22.25
CA CYS B 77 -12.37 14.83 -22.18
C CYS B 77 -11.54 15.25 -23.34
N SER B 78 -11.73 16.47 -23.84
CA SER B 78 -10.77 17.01 -24.78
C SER B 78 -9.44 17.31 -24.06
N PRO B 79 -8.34 17.38 -24.80
CA PRO B 79 -7.07 17.83 -24.17
C PRO B 79 -7.14 19.20 -23.49
N GLY B 80 -7.91 20.11 -24.08
CA GLY B 80 -8.11 21.44 -23.52
C GLY B 80 -8.93 21.41 -22.23
N ALA B 81 -10.05 20.69 -22.29
CA ALA B 81 -10.91 20.51 -21.12
C ALA B 81 -10.14 19.87 -19.96
N SER B 82 -9.43 18.77 -20.19
CA SER B 82 -8.66 18.10 -19.12
C SER B 82 -7.60 18.97 -18.45
N GLU B 83 -6.94 19.81 -19.25
CA GLU B 83 -5.87 20.67 -18.77
C GLU B 83 -6.44 21.65 -17.75
N ILE B 84 -7.47 22.34 -18.20
CA ILE B 84 -8.02 23.47 -17.47
C ILE B 84 -8.77 23.07 -16.18
N THR B 85 -9.47 21.93 -16.20
CA THR B 85 -10.22 21.40 -15.03
C THR B 85 -9.40 20.56 -14.05
N GLY B 86 -8.41 19.85 -14.56
CA GLY B 86 -7.61 18.93 -13.75
C GLY B 86 -8.21 17.54 -13.63
N LEU B 87 -9.22 17.26 -14.47
CA LEU B 87 -9.97 16.00 -14.46
C LEU B 87 -9.81 15.25 -15.78
N SER B 88 -9.91 13.92 -15.73
CA SER B 88 -9.85 13.08 -16.92
C SER B 88 -10.64 11.79 -16.70
N LYS B 89 -11.29 11.30 -17.77
CA LYS B 89 -12.09 10.09 -17.71
C LYS B 89 -11.33 8.92 -17.13
N ALA B 90 -10.05 8.80 -17.43
CA ALA B 90 -9.20 7.75 -16.85
C ALA B 90 -9.23 7.85 -15.33
N GLU B 91 -8.94 9.04 -14.83
CA GLU B 91 -8.79 9.24 -13.39
C GLU B 91 -10.12 9.09 -12.66
N LEU B 92 -11.20 9.51 -13.28
CA LEU B 92 -12.51 9.38 -12.66
C LEU B 92 -12.93 7.93 -12.52
N GLU B 93 -12.53 7.10 -13.48
CA GLU B 93 -12.93 5.69 -13.49
C GLU B 93 -12.06 4.81 -12.64
N VAL B 94 -10.76 5.09 -12.57
CA VAL B 94 -9.93 4.39 -11.59
C VAL B 94 -10.43 4.66 -10.15
N GLN B 95 -10.87 5.90 -9.87
CA GLN B 95 -11.46 6.26 -8.56
C GLN B 95 -12.94 5.89 -8.39
N GLY B 96 -13.49 5.09 -9.32
CA GLY B 96 -14.81 4.50 -9.16
C GLY B 96 -15.98 5.43 -9.24
N ARG B 97 -15.80 6.62 -9.81
CA ARG B 97 -16.89 7.58 -9.98
C ARG B 97 -17.91 7.03 -10.95
N GLN B 98 -19.15 7.41 -10.75
CA GLN B 98 -20.25 6.83 -11.51
C GLN B 98 -20.68 7.72 -12.65
N ARG B 99 -21.58 7.21 -13.47
CA ARG B 99 -22.17 7.98 -14.53
C ARG B 99 -23.19 8.89 -13.95
N PHE B 100 -23.66 9.78 -14.79
CA PHE B 100 -24.80 10.60 -14.50
C PHE B 100 -25.99 9.64 -14.66
N ASP B 101 -26.48 9.11 -13.54
CA ASP B 101 -27.51 8.06 -13.53
C ASP B 101 -28.76 8.40 -12.72
N ASP B 102 -29.74 7.51 -12.78
CA ASP B 102 -31.01 7.64 -12.04
C ASP B 102 -30.79 7.91 -10.57
N ASN B 103 -29.78 7.25 -10.00
CA ASN B 103 -29.41 7.52 -8.64
C ASN B 103 -28.96 8.99 -8.40
N LEU B 104 -28.18 9.57 -9.29
CA LEU B 104 -27.79 10.95 -9.15
C LEU B 104 -28.98 11.89 -9.20
N ALA B 105 -29.98 11.56 -10.00
CA ALA B 105 -31.21 12.35 -10.05
C ALA B 105 -31.95 12.37 -8.70
N ILE B 106 -32.01 11.20 -8.08
CA ILE B 106 -32.66 11.02 -6.79
C ILE B 106 -31.98 11.92 -5.78
N LEU B 107 -30.65 11.81 -5.75
CA LEU B 107 -29.80 12.67 -4.94
C LEU B 107 -30.12 14.16 -5.11
N LEU B 108 -30.08 14.64 -6.35
CA LEU B 108 -30.38 16.03 -6.62
C LEU B 108 -31.78 16.43 -6.23
N ARG B 109 -32.73 15.54 -6.43
CA ARG B 109 -34.09 15.78 -6.02
C ARG B 109 -34.15 16.03 -4.53
N ALA B 110 -33.48 15.18 -3.77
CA ALA B 110 -33.55 15.25 -2.32
C ALA B 110 -32.88 16.49 -1.81
N PHE B 111 -31.73 16.84 -2.39
CA PHE B 111 -31.07 18.09 -2.08
C PHE B 111 -31.99 19.28 -2.29
N LEU B 112 -32.65 19.34 -3.44
CA LEU B 112 -33.53 20.46 -3.76
C LEU B 112 -34.74 20.56 -2.87
N GLN B 113 -35.35 19.41 -2.57
CA GLN B 113 -36.53 19.32 -1.71
C GLN B 113 -36.29 19.92 -0.33
N ARG B 114 -35.05 19.82 0.16
CA ARG B 114 -34.62 20.46 1.42
C ARG B 114 -34.61 21.98 1.40
N GLN B 115 -34.74 22.58 0.23
CA GLN B 115 -34.79 24.04 0.07
C GLN B 115 -36.23 24.60 0.00
N PRO B 116 -36.50 25.73 0.69
CA PRO B 116 -37.82 26.30 0.59
C PRO B 116 -38.06 26.95 -0.75
N GLN B 117 -39.32 26.94 -1.16
CA GLN B 117 -39.72 27.36 -2.48
C GLN B 117 -40.39 28.73 -2.37
N PRO B 118 -40.43 29.52 -3.44
CA PRO B 118 -39.86 29.15 -4.72
C PRO B 118 -38.35 29.32 -4.76
N CYS B 119 -37.75 28.59 -5.69
CA CYS B 119 -36.35 28.27 -5.71
C CYS B 119 -35.81 28.54 -7.14
N CYS B 120 -34.73 29.32 -7.24
CA CYS B 120 -34.14 29.67 -8.53
C CYS B 120 -32.67 29.24 -8.66
N LEU B 121 -32.31 28.58 -9.77
CA LEU B 121 -30.90 28.28 -10.05
C LEU B 121 -30.21 29.53 -10.55
N VAL B 122 -28.91 29.63 -10.28
CA VAL B 122 -28.09 30.73 -10.78
C VAL B 122 -26.75 30.16 -11.28
N ALA B 123 -26.50 30.36 -12.57
CA ALA B 123 -25.29 29.86 -13.21
C ALA B 123 -24.70 30.94 -14.14
N HIS B 124 -23.38 31.04 -14.18
CA HIS B 124 -22.72 32.00 -15.05
C HIS B 124 -22.70 31.43 -16.44
N ASN B 125 -23.32 32.14 -17.36
CA ASN B 125 -23.53 31.66 -18.71
C ASN B 125 -24.43 30.45 -18.81
N GLY B 126 -25.31 30.30 -17.83
CA GLY B 126 -26.18 29.13 -17.75
C GLY B 126 -27.20 28.98 -18.87
N ASP B 127 -27.72 30.12 -19.33
CA ASP B 127 -28.67 30.12 -20.44
C ASP B 127 -28.08 29.46 -21.69
N ARG B 128 -26.78 29.59 -21.90
CA ARG B 128 -26.13 29.04 -23.08
C ARG B 128 -25.48 27.70 -22.79
N TYR B 129 -24.86 27.54 -21.61
CA TYR B 129 -24.14 26.30 -21.30
C TYR B 129 -24.70 25.36 -20.21
N ASP B 130 -24.78 25.81 -18.97
CA ASP B 130 -24.99 24.86 -17.88
C ASP B 130 -26.38 24.36 -17.91
N PHE B 131 -27.35 25.22 -18.16
CA PHE B 131 -28.74 24.77 -18.06
C PHE B 131 -29.10 23.79 -19.19
N PRO B 132 -28.75 24.13 -20.44
CA PRO B 132 -28.99 23.17 -21.52
C PRO B 132 -28.28 21.84 -21.36
N LEU B 133 -27.04 21.87 -20.89
CA LEU B 133 -26.29 20.64 -20.74
C LEU B 133 -26.90 19.79 -19.66
N LEU B 134 -27.29 20.41 -18.59
CA LEU B 134 -27.97 19.74 -17.50
C LEU B 134 -29.29 19.13 -17.97
N GLN B 135 -30.03 19.92 -18.73
CA GLN B 135 -31.26 19.47 -19.36
C GLN B 135 -31.04 18.22 -20.22
N THR B 136 -29.96 18.22 -20.97
CA THR B 136 -29.58 17.08 -21.82
C THR B 136 -29.32 15.82 -21.01
N GLU B 137 -28.46 15.95 -19.99
CA GLU B 137 -28.05 14.84 -19.12
C GLU B 137 -29.24 14.19 -18.43
N LEU B 138 -30.21 15.03 -18.04
CA LEU B 138 -31.42 14.59 -17.29
C LEU B 138 -32.44 13.90 -18.18
N ALA B 139 -32.56 14.35 -19.42
CA ALA B 139 -33.53 13.80 -20.36
C ALA B 139 -33.21 12.35 -20.74
N ARG B 140 -31.93 12.00 -20.65
CA ARG B 140 -31.45 10.63 -20.89
C ARG B 140 -31.90 9.59 -19.86
N LEU B 141 -32.37 10.06 -18.71
CA LEU B 141 -32.67 9.21 -17.55
C LEU B 141 -34.13 8.82 -17.52
N SER B 142 -34.39 7.67 -16.89
CA SER B 142 -35.73 7.11 -16.83
C SER B 142 -36.63 7.80 -15.83
N THR B 143 -36.08 8.68 -15.00
CA THR B 143 -36.80 9.37 -13.91
C THR B 143 -37.45 10.65 -14.44
N PRO B 144 -38.35 11.26 -13.63
CA PRO B 144 -38.74 12.64 -13.96
C PRO B 144 -37.63 13.63 -13.56
N SER B 145 -37.64 14.82 -14.16
CA SER B 145 -36.66 15.85 -13.84
C SER B 145 -36.71 16.26 -12.37
N PRO B 146 -35.60 16.14 -11.63
CA PRO B 146 -35.60 16.70 -10.28
C PRO B 146 -35.89 18.18 -10.26
N LEU B 147 -35.57 18.88 -11.34
CA LEU B 147 -35.76 20.33 -11.40
C LEU B 147 -37.15 20.82 -11.83
N ASP B 148 -38.15 19.94 -11.94
CA ASP B 148 -39.57 20.39 -12.11
C ASP B 148 -40.02 21.25 -10.93
N GLY B 149 -40.55 22.44 -11.22
CA GLY B 149 -40.88 23.42 -10.19
C GLY B 149 -39.77 24.40 -9.81
N THR B 150 -38.55 24.17 -10.29
CA THR B 150 -37.44 25.07 -10.00
C THR B 150 -37.28 26.08 -11.11
N PHE B 151 -36.90 27.31 -10.74
CA PHE B 151 -36.68 28.40 -11.68
C PHE B 151 -35.20 28.57 -11.97
N CYS B 152 -34.88 29.42 -12.94
CA CYS B 152 -33.49 29.70 -13.24
C CYS B 152 -33.25 31.10 -13.82
N VAL B 153 -32.01 31.56 -13.66
CA VAL B 153 -31.50 32.81 -14.24
C VAL B 153 -30.02 32.72 -14.61
N ASP B 154 -29.55 33.72 -15.35
CA ASP B 154 -28.16 33.85 -15.73
C ASP B 154 -27.55 35.02 -15.00
N SER B 155 -26.43 34.80 -14.35
CA SER B 155 -25.73 35.86 -13.61
C SER B 155 -25.02 36.88 -14.48
N ILE B 156 -24.69 36.55 -15.72
CA ILE B 156 -24.12 37.53 -16.65
C ILE B 156 -25.10 38.68 -16.91
N ALA B 157 -26.38 38.33 -17.10
CA ALA B 157 -27.46 39.29 -17.30
C ALA B 157 -27.68 40.17 -16.06
N ALA B 158 -27.80 39.55 -14.89
CA ALA B 158 -27.94 40.26 -13.60
C ALA B 158 -26.80 41.27 -13.34
N LEU B 159 -25.57 40.84 -13.56
CA LEU B 159 -24.41 41.69 -13.33
C LEU B 159 -24.25 42.80 -14.38
N LYS B 160 -24.66 42.56 -15.62
CA LYS B 160 -24.78 43.66 -16.59
C LYS B 160 -25.75 44.69 -16.04
N ALA B 161 -26.94 44.23 -15.65
CA ALA B 161 -27.98 45.10 -15.08
C ALA B 161 -27.42 45.91 -13.95
N LEU B 162 -26.82 45.22 -12.99
CA LEU B 162 -26.35 45.89 -11.78
C LEU B 162 -25.20 46.89 -11.99
N GLU B 163 -24.43 46.78 -13.06
CA GLU B 163 -23.35 47.73 -13.30
C GLU B 163 -23.77 49.03 -14.03
N GLN B 164 -25.06 49.21 -14.27
CA GLN B 164 -25.64 50.58 -14.39
C GLN B 164 -25.95 51.34 -13.04
N ALA B 165 -25.27 50.95 -11.96
CA ALA B 165 -24.92 51.84 -10.86
C ALA B 165 -23.97 52.99 -11.29
N SER B 166 -23.05 52.68 -12.22
CA SER B 166 -22.32 53.70 -12.99
C SER B 166 -23.19 54.13 -14.20
N SER B 167 -22.74 55.17 -14.93
CA SER B 167 -23.46 55.65 -16.15
C SER B 167 -22.57 55.75 -17.41
N PRO B 168 -22.28 54.59 -18.07
CA PRO B 168 -21.59 54.63 -19.38
C PRO B 168 -22.48 55.17 -20.51
N ARG B 174 -16.83 48.86 -23.40
CA ARG B 174 -17.39 47.53 -23.66
C ARG B 174 -16.66 46.45 -22.85
N LYS B 175 -17.12 46.26 -21.61
CA LYS B 175 -16.43 45.43 -20.61
C LYS B 175 -16.56 43.94 -20.94
N SER B 176 -15.75 43.09 -20.31
CA SER B 176 -15.96 41.62 -20.35
C SER B 176 -16.84 41.15 -19.20
N TYR B 177 -17.82 40.30 -19.46
CA TYR B 177 -18.61 39.74 -18.36
C TYR B 177 -18.31 38.27 -18.06
N SER B 178 -17.09 37.82 -18.41
CA SER B 178 -16.58 36.55 -17.91
C SER B 178 -16.46 36.59 -16.37
N LEU B 179 -16.52 35.42 -15.75
CA LEU B 179 -16.50 35.33 -14.27
C LEU B 179 -15.33 36.07 -13.61
N GLY B 180 -14.10 35.76 -14.04
CA GLY B 180 -12.91 36.44 -13.52
C GLY B 180 -12.81 37.94 -13.78
N SER B 181 -13.25 38.39 -14.96
CA SER B 181 -13.25 39.81 -15.27
C SER B 181 -14.13 40.58 -14.28
N ILE B 182 -15.33 40.07 -14.05
CA ILE B 182 -16.28 40.73 -13.14
C ILE B 182 -15.69 40.82 -11.74
N TYR B 183 -15.18 39.70 -11.23
CA TYR B 183 -14.56 39.65 -9.90
C TYR B 183 -13.44 40.68 -9.80
N THR B 184 -12.45 40.56 -10.67
CA THR B 184 -11.34 41.51 -10.70
C THR B 184 -11.84 42.96 -10.76
N ARG B 185 -12.93 43.20 -11.50
CA ARG B 185 -13.50 44.54 -11.61
C ARG B 185 -14.09 45.06 -10.30
N LEU B 186 -14.83 44.21 -9.59
CA LEU B 186 -15.42 44.57 -8.31
C LEU B 186 -14.43 44.59 -7.13
N TYR B 187 -13.51 43.63 -7.09
CA TYR B 187 -12.72 43.43 -5.89
C TYR B 187 -11.22 43.62 -6.02
N TRP B 188 -10.71 43.72 -7.25
CA TRP B 188 -9.29 44.09 -7.57
C TRP B 188 -8.30 43.03 -7.13
N GLN B 189 -8.76 41.79 -7.19
CA GLN B 189 -7.97 40.64 -6.87
C GLN B 189 -8.24 39.65 -7.96
N ALA B 190 -7.33 38.68 -8.09
CA ALA B 190 -7.64 37.45 -8.84
C ALA B 190 -8.54 36.53 -7.97
N PRO B 191 -9.47 35.77 -8.61
CA PRO B 191 -10.17 34.67 -7.96
C PRO B 191 -9.27 33.44 -7.96
N THR B 192 -9.59 32.42 -7.16
CA THR B 192 -8.57 31.44 -6.75
C THR B 192 -8.58 30.04 -7.34
N ASP B 193 -9.57 29.21 -6.98
CA ASP B 193 -9.59 27.79 -7.43
C ASP B 193 -10.29 27.78 -8.78
N SER B 194 -9.54 28.15 -9.81
CA SER B 194 -10.09 28.38 -11.13
C SER B 194 -10.42 27.04 -11.81
N HIS B 195 -11.60 26.99 -12.42
CA HIS B 195 -12.10 25.81 -13.14
C HIS B 195 -12.16 24.51 -12.35
N THR B 196 -12.50 24.63 -11.07
CA THR B 196 -12.97 23.52 -10.28
C THR B 196 -14.39 23.94 -9.97
N ALA B 197 -15.33 23.01 -10.09
CA ALA B 197 -16.76 23.32 -9.96
C ALA B 197 -17.06 24.17 -8.76
N GLU B 198 -16.54 23.78 -7.61
CA GLU B 198 -16.79 24.47 -6.37
C GLU B 198 -16.08 25.82 -6.35
N GLY B 199 -14.84 25.87 -6.77
CA GLY B 199 -14.10 27.12 -6.81
C GLY B 199 -14.90 28.21 -7.46
N ASP B 200 -15.32 27.99 -8.71
CA ASP B 200 -16.00 29.01 -9.50
C ASP B 200 -17.45 29.31 -8.97
N VAL B 201 -18.06 28.36 -8.27
CA VAL B 201 -19.33 28.62 -7.60
C VAL B 201 -19.12 29.63 -6.48
N LEU B 202 -18.02 29.50 -5.73
CA LEU B 202 -17.74 30.41 -4.64
C LEU B 202 -17.47 31.78 -5.18
N THR B 203 -16.61 31.85 -6.19
CA THR B 203 -16.37 33.09 -6.96
C THR B 203 -17.70 33.69 -7.46
N LEU B 204 -18.60 32.89 -8.01
CA LEU B 204 -19.91 33.39 -8.39
C LEU B 204 -20.71 33.96 -7.21
N LEU B 205 -20.65 33.30 -6.06
CA LEU B 205 -21.40 33.76 -4.89
C LEU B 205 -20.87 35.10 -4.45
N SER B 206 -19.56 35.23 -4.42
CA SER B 206 -18.96 36.52 -4.06
C SER B 206 -19.51 37.64 -4.94
N ILE B 207 -19.54 37.39 -6.25
CA ILE B 207 -20.08 38.34 -7.20
C ILE B 207 -21.49 38.72 -6.84
N CYS B 208 -22.32 37.73 -6.62
CA CYS B 208 -23.71 37.95 -6.29
C CYS B 208 -23.94 38.64 -4.94
N GLN B 209 -23.02 38.46 -3.99
CA GLN B 209 -23.05 39.18 -2.72
C GLN B 209 -22.62 40.67 -2.74
N TRP B 210 -22.17 41.17 -3.89
CA TRP B 210 -21.78 42.58 -4.03
C TRP B 210 -22.89 43.56 -3.67
N LYS B 211 -24.06 43.39 -4.25
CA LYS B 211 -25.23 44.22 -3.95
C LYS B 211 -26.42 43.28 -3.77
N PRO B 212 -26.48 42.60 -2.62
CA PRO B 212 -27.42 41.51 -2.38
C PRO B 212 -28.88 41.85 -2.66
N GLN B 213 -29.33 43.05 -2.26
CA GLN B 213 -30.72 43.53 -2.47
C GLN B 213 -31.07 43.67 -3.95
N ALA B 214 -30.23 44.44 -4.65
CA ALA B 214 -30.41 44.68 -6.07
C ALA B 214 -30.51 43.37 -6.86
N LEU B 215 -29.67 42.40 -6.48
CA LEU B 215 -29.63 41.11 -7.16
C LEU B 215 -30.94 40.35 -7.01
N LEU B 216 -31.39 40.22 -5.76
CA LEU B 216 -32.65 39.53 -5.47
C LEU B 216 -33.84 40.17 -6.16
N GLN B 217 -33.80 41.50 -6.29
CA GLN B 217 -34.84 42.21 -7.01
C GLN B 217 -34.81 41.71 -8.42
N TRP B 218 -33.62 41.74 -9.03
CA TRP B 218 -33.44 41.36 -10.42
C TRP B 218 -33.81 39.89 -10.69
N VAL B 219 -33.48 39.01 -9.75
CA VAL B 219 -33.72 37.57 -9.91
C VAL B 219 -35.21 37.28 -9.88
N ASP B 220 -35.88 37.92 -8.94
CA ASP B 220 -37.34 37.88 -8.85
C ASP B 220 -38.06 38.30 -10.14
N GLU B 221 -37.56 39.34 -10.78
CA GLU B 221 -38.15 39.81 -12.02
C GLU B 221 -37.83 38.91 -13.21
N HIS B 222 -36.69 38.22 -13.20
CA HIS B 222 -36.24 37.44 -14.37
C HIS B 222 -36.22 35.90 -14.24
N ALA B 223 -36.49 35.37 -13.07
CA ALA B 223 -36.61 33.93 -12.89
C ALA B 223 -37.65 33.35 -13.83
N ARG B 224 -37.29 32.22 -14.45
CA ARG B 224 -38.18 31.47 -15.35
C ARG B 224 -38.01 29.98 -15.07
N PRO B 225 -39.04 29.17 -15.39
CA PRO B 225 -38.97 27.72 -15.09
C PRO B 225 -37.89 26.97 -15.83
N PHE B 226 -37.14 26.14 -15.10
CA PHE B 226 -36.15 25.30 -15.72
C PHE B 226 -36.74 24.40 -16.81
N SER B 227 -37.98 23.92 -16.62
CA SER B 227 -38.68 23.15 -17.67
C SER B 227 -38.67 23.78 -19.10
N THR B 228 -38.54 25.11 -19.20
CA THR B 228 -38.56 25.83 -20.49
C THR B 228 -37.20 25.91 -21.19
N VAL B 229 -36.12 25.61 -20.47
CA VAL B 229 -34.78 25.54 -21.05
C VAL B 229 -34.75 24.37 -22.03
N LYS B 230 -34.20 24.58 -23.23
CA LYS B 230 -34.12 23.55 -24.28
C LYS B 230 -32.80 22.86 -24.20
N PRO B 231 -32.77 21.51 -24.32
CA PRO B 231 -31.47 20.80 -24.25
C PRO B 231 -30.38 21.33 -25.19
N MET B 232 -29.14 21.06 -24.84
CA MET B 232 -28.03 21.41 -25.70
C MET B 232 -28.12 20.58 -26.98
N TYR B 233 -28.35 19.28 -26.82
CA TYR B 233 -28.38 18.32 -27.93
C TYR B 233 -29.25 17.10 -27.54
N GLY B 234 -29.58 16.25 -28.51
CA GLY B 234 -30.47 15.10 -28.31
C GLY B 234 -29.83 13.81 -28.78
N THR C 5 36.31 -51.22 9.44
CA THR C 5 35.48 -50.89 8.23
C THR C 5 34.79 -49.52 8.37
N LEU C 6 33.74 -49.30 7.56
CA LEU C 6 32.92 -48.09 7.56
C LEU C 6 31.46 -48.53 7.56
N PRO C 7 30.70 -48.23 8.65
CA PRO C 7 29.39 -48.88 8.85
C PRO C 7 28.40 -48.70 7.69
N HIS C 8 28.35 -47.48 7.14
CA HIS C 8 27.38 -47.11 6.10
C HIS C 8 28.02 -46.66 4.75
N GLY C 9 29.32 -46.86 4.59
CA GLY C 9 30.01 -46.49 3.37
C GLY C 9 30.52 -45.07 3.45
N HIS C 10 31.16 -44.67 2.36
CA HIS C 10 31.61 -43.30 2.16
C HIS C 10 30.40 -42.40 1.94
N MET C 11 30.32 -41.31 2.69
CA MET C 11 29.26 -40.29 2.48
C MET C 11 29.52 -39.50 1.19
N GLN C 12 28.51 -39.42 0.33
CA GLN C 12 28.61 -38.71 -0.96
C GLN C 12 28.32 -37.20 -0.86
N THR C 13 27.48 -36.83 0.10
CA THR C 13 27.18 -35.45 0.38
C THR C 13 27.26 -35.23 1.88
N LEU C 14 27.92 -34.15 2.29
CA LEU C 14 27.70 -33.54 3.60
C LEU C 14 26.70 -32.39 3.48
N ILE C 15 25.73 -32.34 4.38
CA ILE C 15 24.84 -31.18 4.49
C ILE C 15 25.09 -30.49 5.81
N PHE C 16 25.59 -29.27 5.74
CA PHE C 16 25.94 -28.50 6.90
C PHE C 16 24.65 -27.82 7.39
N LEU C 17 24.38 -27.94 8.69
CA LEU C 17 23.13 -27.51 9.24
C LEU C 17 23.31 -26.62 10.50
N ASN C 18 22.42 -25.63 10.62
CA ASN C 18 22.37 -24.73 11.78
C ASN C 18 20.97 -24.16 11.95
N LEU C 19 20.51 -24.09 13.19
CA LEU C 19 19.15 -23.68 13.54
C LEU C 19 19.21 -22.48 14.44
N GLU C 20 18.25 -21.57 14.29
CA GLU C 20 17.92 -20.61 15.35
C GLU C 20 16.54 -20.94 15.89
N ALA C 21 16.29 -20.57 17.15
CA ALA C 21 15.07 -20.98 17.86
C ALA C 21 14.57 -19.96 18.90
N THR C 22 13.47 -20.31 19.56
CA THR C 22 12.86 -19.47 20.60
C THR C 22 13.63 -19.45 21.89
N GLY C 23 14.24 -20.57 22.24
CA GLY C 23 15.09 -20.64 23.44
C GLY C 23 15.93 -21.90 23.54
N LEU C 24 16.24 -22.26 24.79
CA LEU C 24 17.18 -23.34 25.11
C LEU C 24 16.39 -24.60 25.46
N PRO C 25 17.07 -25.76 25.59
CA PRO C 25 16.33 -27.05 25.74
C PRO C 25 15.32 -27.22 26.91
N SER C 26 15.48 -26.46 27.99
CA SER C 26 14.43 -26.41 29.02
C SER C 26 13.12 -25.81 28.54
N SER C 27 13.17 -24.84 27.62
CA SER C 27 11.98 -24.10 27.20
C SER C 27 11.06 -24.79 26.21
N ARG C 28 11.34 -26.03 25.83
CA ARG C 28 10.61 -26.70 24.74
C ARG C 28 10.57 -25.76 23.56
N PRO C 29 11.75 -25.44 22.99
CA PRO C 29 11.83 -24.35 22.03
C PRO C 29 11.31 -24.73 20.66
N GLU C 30 11.09 -23.71 19.82
CA GLU C 30 10.65 -23.92 18.43
C GLU C 30 11.57 -23.17 17.47
N VAL C 31 11.72 -23.73 16.26
CA VAL C 31 12.71 -23.27 15.29
C VAL C 31 12.23 -21.98 14.66
N THR C 32 13.11 -20.98 14.65
CA THR C 32 12.84 -19.66 14.07
C THR C 32 13.53 -19.42 12.73
N GLU C 33 14.62 -20.14 12.45
CA GLU C 33 15.34 -20.02 11.19
C GLU C 33 16.13 -21.31 10.98
N LEU C 34 16.32 -21.65 9.72
CA LEU C 34 16.88 -22.92 9.31
C LEU C 34 17.80 -22.67 8.12
N CYS C 35 19.01 -23.21 8.16
CA CYS C 35 19.90 -23.15 6.99
C CYS C 35 20.53 -24.50 6.70
N LEU C 36 20.50 -24.86 5.41
CA LEU C 36 21.16 -26.06 4.89
C LEU C 36 22.13 -25.66 3.80
N LEU C 37 23.34 -26.19 3.91
CA LEU C 37 24.34 -26.00 2.88
C LEU C 37 24.86 -27.37 2.51
N ALA C 38 24.62 -27.81 1.28
CA ALA C 38 24.94 -29.18 0.86
C ALA C 38 26.13 -29.17 -0.03
N VAL C 39 27.18 -29.88 0.36
CA VAL C 39 28.41 -29.94 -0.41
C VAL C 39 28.73 -31.37 -0.76
N HIS C 40 29.10 -31.62 -2.02
CA HIS C 40 29.54 -32.95 -2.45
C HIS C 40 30.90 -33.28 -1.84
N ARG C 41 31.12 -34.58 -1.67
CA ARG C 41 32.41 -35.16 -1.26
C ARG C 41 33.66 -34.65 -2.00
N ARG C 42 33.63 -34.63 -3.32
CA ARG C 42 34.72 -34.13 -4.15
C ARG C 42 34.97 -32.64 -3.99
N ALA C 43 33.89 -31.87 -3.95
CA ALA C 43 33.99 -30.42 -3.74
C ALA C 43 34.76 -30.09 -2.48
N LEU C 44 34.60 -30.92 -1.46
CA LEU C 44 35.32 -30.71 -0.24
C LEU C 44 36.76 -31.18 -0.33
N GLU C 45 37.02 -32.34 -0.95
CA GLU C 45 38.42 -32.84 -1.18
C GLU C 45 39.25 -31.88 -2.05
N ASN C 46 38.64 -31.32 -3.09
CA ASN C 46 39.27 -30.34 -3.99
C ASN C 46 39.48 -28.94 -3.37
N THR C 47 39.18 -28.80 -2.08
CA THR C 47 39.64 -27.65 -1.28
C THR C 47 41.18 -27.60 -1.26
N SER C 48 41.70 -26.39 -1.49
CA SER C 48 43.14 -26.12 -1.47
C SER C 48 43.69 -26.34 -0.04
N ILE C 49 44.89 -26.94 0.05
CA ILE C 49 45.41 -27.44 1.34
C ILE C 49 45.91 -26.28 2.22
N SER C 50 45.64 -26.40 3.53
CA SER C 50 45.96 -25.34 4.52
C SER C 50 47.45 -25.37 4.92
N GLN C 51 48.13 -24.24 4.76
CA GLN C 51 49.58 -24.14 5.06
C GLN C 51 50.04 -22.77 5.51
N GLY C 52 51.18 -22.76 6.20
CA GLY C 52 51.71 -21.56 6.81
C GLY C 52 50.97 -21.22 8.08
N HIS C 53 51.28 -20.06 8.62
CA HIS C 53 50.75 -19.61 9.90
C HIS C 53 50.37 -18.14 9.88
N PRO C 54 49.09 -17.81 10.04
CA PRO C 54 47.99 -18.78 10.08
C PRO C 54 47.61 -19.16 8.66
N PRO C 55 46.93 -20.32 8.48
CA PRO C 55 46.43 -20.60 7.15
C PRO C 55 45.25 -19.70 6.82
N PRO C 56 45.08 -19.38 5.52
CA PRO C 56 43.98 -18.49 5.16
C PRO C 56 42.67 -19.25 5.30
N VAL C 57 41.62 -18.51 5.56
CA VAL C 57 40.29 -19.08 5.64
C VAL C 57 40.07 -19.76 4.29
N PRO C 58 39.66 -21.05 4.27
CA PRO C 58 39.42 -21.66 2.95
C PRO C 58 38.30 -20.93 2.20
N ARG C 59 38.34 -20.98 0.89
CA ARG C 59 37.30 -20.35 0.10
C ARG C 59 36.24 -21.42 -0.04
N PRO C 60 34.94 -21.08 0.09
CA PRO C 60 33.95 -22.14 -0.11
C PRO C 60 34.03 -22.71 -1.51
N PRO C 61 33.63 -23.98 -1.71
CA PRO C 61 33.58 -24.48 -3.08
C PRO C 61 32.50 -23.76 -3.90
N ARG C 62 32.75 -23.70 -5.20
CA ARG C 62 31.88 -23.10 -6.17
C ARG C 62 30.55 -23.80 -6.12
N VAL C 63 30.58 -25.12 -6.20
CA VAL C 63 29.36 -25.91 -6.33
C VAL C 63 28.81 -26.30 -4.96
N VAL C 64 27.65 -25.70 -4.66
CA VAL C 64 27.01 -25.77 -3.36
C VAL C 64 25.53 -25.55 -3.56
N ASP C 65 24.70 -26.41 -2.97
CA ASP C 65 23.26 -26.16 -2.84
C ASP C 65 22.90 -25.60 -1.45
N LYS C 66 22.07 -24.57 -1.43
CA LYS C 66 21.84 -23.78 -0.22
C LYS C 66 20.37 -23.38 -0.02
N LEU C 67 19.91 -23.63 1.19
CA LEU C 67 18.54 -23.30 1.60
C LEU C 67 18.55 -22.54 2.93
N SER C 68 17.94 -21.35 2.94
CA SER C 68 17.88 -20.51 4.14
C SER C 68 16.48 -19.97 4.32
N LEU C 69 15.81 -20.39 5.40
CA LEU C 69 14.38 -20.06 5.62
C LEU C 69 14.13 -19.46 7.00
N CYS C 70 13.21 -18.50 7.05
CA CYS C 70 12.69 -18.01 8.33
C CYS C 70 11.31 -18.59 8.57
N ILE C 71 11.08 -18.98 9.82
CA ILE C 71 9.96 -19.78 10.25
C ILE C 71 9.28 -19.09 11.44
N ALA C 72 7.97 -18.92 11.35
CA ALA C 72 7.20 -18.36 12.45
C ALA C 72 7.05 -19.44 13.51
N PRO C 73 7.36 -19.12 14.78
CA PRO C 73 7.09 -20.05 15.87
C PRO C 73 5.67 -19.90 16.36
N GLY C 74 5.21 -20.82 17.20
CA GLY C 74 3.89 -20.76 17.84
C GLY C 74 3.87 -20.18 19.25
N LYS C 75 5.00 -19.61 19.65
CA LYS C 75 5.18 -19.02 20.94
C LYS C 75 6.27 -17.95 20.78
N ALA C 76 6.35 -17.03 21.72
CA ALA C 76 7.37 -16.00 21.68
C ALA C 76 8.77 -16.59 21.80
N CYS C 77 9.73 -15.74 21.46
CA CYS C 77 11.14 -16.02 21.70
C CYS C 77 11.44 -15.43 23.04
N SER C 78 12.37 -16.03 23.79
CA SER C 78 12.80 -15.41 25.04
C SER C 78 13.43 -14.07 24.73
N PRO C 79 13.47 -13.17 25.71
CA PRO C 79 14.22 -11.93 25.50
C PRO C 79 15.68 -12.19 25.09
N GLY C 80 16.33 -13.17 25.72
CA GLY C 80 17.73 -13.55 25.43
C GLY C 80 17.95 -14.10 24.05
N ALA C 81 17.01 -14.94 23.59
CA ALA C 81 17.02 -15.43 22.22
C ALA C 81 16.86 -14.31 21.20
N SER C 82 15.86 -13.44 21.38
CA SER C 82 15.56 -12.38 20.38
C SER C 82 16.68 -11.40 20.18
N GLU C 83 17.44 -11.18 21.24
CA GLU C 83 18.56 -10.26 21.20
C GLU C 83 19.62 -10.80 20.26
N ILE C 84 20.10 -12.00 20.58
CA ILE C 84 21.22 -12.56 19.83
C ILE C 84 20.86 -12.93 18.39
N THR C 85 19.65 -13.45 18.14
CA THR C 85 19.25 -13.83 16.79
C THR C 85 18.82 -12.65 15.92
N GLY C 86 18.29 -11.60 16.55
CA GLY C 86 17.73 -10.46 15.83
C GLY C 86 16.39 -10.76 15.20
N LEU C 87 15.76 -11.85 15.66
CA LEU C 87 14.43 -12.31 15.23
C LEU C 87 13.43 -12.29 16.39
N SER C 88 12.16 -12.10 16.06
CA SER C 88 11.08 -12.15 17.06
C SER C 88 9.80 -12.65 16.43
N LYS C 89 8.94 -13.27 17.22
CA LYS C 89 7.71 -13.83 16.67
C LYS C 89 6.86 -12.72 16.06
N ALA C 90 6.82 -11.58 16.74
CA ALA C 90 6.10 -10.42 16.23
C ALA C 90 6.53 -10.16 14.81
N GLU C 91 7.83 -10.02 14.62
CA GLU C 91 8.39 -9.57 13.35
C GLU C 91 8.19 -10.59 12.23
N LEU C 92 8.33 -11.87 12.56
CA LEU C 92 8.10 -12.94 11.59
C LEU C 92 6.65 -13.04 11.14
N GLU C 93 5.72 -12.69 12.01
CA GLU C 93 4.29 -12.77 11.66
C GLU C 93 3.74 -11.55 10.92
N VAL C 94 4.37 -10.39 11.07
CA VAL C 94 4.06 -9.23 10.21
C VAL C 94 4.59 -9.53 8.79
N GLN C 95 5.71 -10.25 8.70
CA GLN C 95 6.36 -10.61 7.42
C GLN C 95 5.79 -11.86 6.77
N GLY C 96 4.74 -12.41 7.36
CA GLY C 96 3.93 -13.42 6.72
C GLY C 96 4.60 -14.77 6.66
N ARG C 97 5.65 -15.00 7.48
CA ARG C 97 6.32 -16.30 7.55
C ARG C 97 5.38 -17.34 8.11
N GLN C 98 5.47 -18.56 7.59
CA GLN C 98 4.57 -19.63 7.99
C GLN C 98 5.15 -20.43 9.12
N ARG C 99 4.33 -21.35 9.66
CA ARG C 99 4.79 -22.34 10.64
C ARG C 99 5.64 -23.43 10.01
N PHE C 100 6.24 -24.24 10.88
CA PHE C 100 6.96 -25.43 10.47
C PHE C 100 5.89 -26.48 10.12
N ASP C 101 5.51 -26.56 8.85
CA ASP C 101 4.32 -27.34 8.43
C ASP C 101 4.69 -28.43 7.40
N ASP C 102 3.68 -29.16 6.91
CA ASP C 102 3.87 -30.19 5.86
C ASP C 102 4.48 -29.63 4.61
N ASN C 103 4.14 -28.38 4.30
CA ASN C 103 4.71 -27.76 3.13
C ASN C 103 6.21 -27.63 3.26
N LEU C 104 6.67 -27.17 4.43
CA LEU C 104 8.10 -27.10 4.67
C LEU C 104 8.74 -28.48 4.61
N ALA C 105 8.02 -29.51 5.01
CA ALA C 105 8.50 -30.90 4.87
C ALA C 105 8.72 -31.32 3.43
N ILE C 106 7.78 -30.92 2.58
CA ILE C 106 7.88 -31.25 1.15
C ILE C 106 9.11 -30.61 0.53
N LEU C 107 9.36 -29.36 0.90
CA LEU C 107 10.55 -28.63 0.48
C LEU C 107 11.85 -29.35 0.87
N LEU C 108 12.02 -29.63 2.15
CA LEU C 108 13.22 -30.27 2.64
C LEU C 108 13.49 -31.62 2.01
N ARG C 109 12.42 -32.39 1.80
CA ARG C 109 12.53 -33.65 1.06
C ARG C 109 13.12 -33.46 -0.31
N ALA C 110 12.57 -32.49 -1.03
CA ALA C 110 12.99 -32.25 -2.41
C ALA C 110 14.41 -31.76 -2.48
N PHE C 111 14.79 -30.89 -1.55
CA PHE C 111 16.17 -30.45 -1.42
C PHE C 111 17.10 -31.62 -1.19
N LEU C 112 16.70 -32.52 -0.31
CA LEU C 112 17.55 -33.64 0.06
C LEU C 112 17.64 -34.61 -1.06
N GLN C 113 16.51 -34.80 -1.75
CA GLN C 113 16.47 -35.69 -2.91
C GLN C 113 17.46 -35.30 -4.00
N ARG C 114 17.69 -34.01 -4.20
CA ARG C 114 18.69 -33.54 -5.18
C ARG C 114 20.16 -33.88 -4.86
N GLN C 115 20.43 -34.35 -3.64
CA GLN C 115 21.78 -34.76 -3.20
C GLN C 115 22.02 -36.25 -3.39
N PRO C 116 23.20 -36.63 -3.88
CA PRO C 116 23.54 -38.04 -3.95
C PRO C 116 23.80 -38.68 -2.60
N GLN C 117 23.29 -39.89 -2.44
CA GLN C 117 23.36 -40.64 -1.20
C GLN C 117 24.62 -41.55 -1.21
N PRO C 118 25.08 -42.01 -0.04
CA PRO C 118 24.57 -41.59 1.26
C PRO C 118 24.95 -40.16 1.63
N CYS C 119 24.31 -39.66 2.68
CA CYS C 119 24.14 -38.24 2.89
C CYS C 119 24.15 -37.99 4.39
N CYS C 120 25.12 -37.21 4.86
CA CYS C 120 25.27 -36.97 6.30
C CYS C 120 25.11 -35.51 6.74
N LEU C 121 24.18 -35.25 7.66
CA LEU C 121 24.02 -33.92 8.22
C LEU C 121 25.16 -33.63 9.17
N VAL C 122 25.55 -32.36 9.25
CA VAL C 122 26.67 -31.93 10.08
C VAL C 122 26.29 -30.61 10.77
N ALA C 123 26.24 -30.61 12.10
CA ALA C 123 25.77 -29.48 12.87
C ALA C 123 26.56 -29.30 14.15
N HIS C 124 26.88 -28.06 14.52
CA HIS C 124 27.72 -27.86 15.68
C HIS C 124 26.88 -28.03 16.92
N ASN C 125 27.27 -29.01 17.73
CA ASN C 125 26.53 -29.39 18.90
C ASN C 125 25.19 -30.02 18.55
N GLY C 126 25.10 -30.60 17.37
CA GLY C 126 23.84 -31.15 16.87
C GLY C 126 23.28 -32.35 17.61
N ASP C 127 24.16 -33.15 18.23
CA ASP C 127 23.73 -34.29 19.03
C ASP C 127 22.87 -33.81 20.17
N ARG C 128 23.22 -32.67 20.74
CA ARG C 128 22.50 -32.15 21.88
C ARG C 128 21.40 -31.17 21.52
N TYR C 129 21.56 -30.39 20.45
CA TYR C 129 20.58 -29.35 20.12
C TYR C 129 19.81 -29.57 18.81
N ASP C 130 20.50 -29.44 17.69
CA ASP C 130 19.84 -29.22 16.41
C ASP C 130 19.07 -30.44 15.96
N PHE C 131 19.68 -31.61 16.09
CA PHE C 131 19.08 -32.86 15.63
C PHE C 131 17.82 -33.25 16.45
N PRO C 132 17.91 -33.32 17.80
CA PRO C 132 16.69 -33.52 18.60
C PRO C 132 15.56 -32.53 18.30
N LEU C 133 15.88 -31.25 18.29
CA LEU C 133 14.89 -30.24 17.99
C LEU C 133 14.20 -30.49 16.67
N LEU C 134 14.99 -30.86 15.66
CA LEU C 134 14.51 -31.04 14.30
C LEU C 134 13.64 -32.27 14.23
N GLN C 135 14.11 -33.30 14.93
CA GLN C 135 13.36 -34.54 15.12
C GLN C 135 11.99 -34.31 15.72
N THR C 136 11.92 -33.49 16.76
CA THR C 136 10.63 -33.11 17.35
C THR C 136 9.74 -32.41 16.36
N GLU C 137 10.29 -31.38 15.73
CA GLU C 137 9.54 -30.51 14.84
C GLU C 137 8.90 -31.31 13.71
N LEU C 138 9.65 -32.31 13.22
CA LEU C 138 9.20 -33.17 12.13
C LEU C 138 8.21 -34.26 12.51
N ALA C 139 8.39 -34.85 13.67
CA ALA C 139 7.42 -35.83 14.20
C ALA C 139 5.98 -35.27 14.34
N ARG C 140 5.86 -34.02 14.79
CA ARG C 140 4.59 -33.31 14.84
C ARG C 140 3.74 -33.39 13.55
N LEU C 141 4.39 -33.60 12.40
CA LEU C 141 3.72 -33.51 11.09
C LEU C 141 3.04 -34.81 10.64
N SER C 142 2.08 -34.64 9.74
CA SER C 142 1.36 -35.76 9.12
C SER C 142 2.21 -36.51 8.07
N THR C 143 3.22 -35.87 7.47
CA THR C 143 3.96 -36.53 6.37
C THR C 143 4.94 -37.53 7.02
N PRO C 144 5.56 -38.40 6.21
CA PRO C 144 6.74 -39.14 6.69
C PRO C 144 8.01 -38.26 6.74
N SER C 145 8.93 -38.54 7.68
CA SER C 145 10.14 -37.70 7.80
C SER C 145 10.89 -37.62 6.47
N PRO C 146 11.21 -36.40 6.04
CA PRO C 146 12.10 -36.24 4.92
C PRO C 146 13.52 -36.73 5.21
N LEU C 147 13.89 -36.82 6.48
CA LEU C 147 15.24 -37.21 6.84
C LEU C 147 15.48 -38.69 7.07
N ASP C 148 14.51 -39.57 6.79
CA ASP C 148 14.77 -41.03 6.87
C ASP C 148 15.71 -41.49 5.75
N GLY C 149 16.75 -42.22 6.13
CA GLY C 149 17.84 -42.56 5.21
C GLY C 149 18.99 -41.58 5.23
N THR C 150 18.84 -40.53 6.02
CA THR C 150 19.87 -39.52 6.14
C THR C 150 20.68 -39.80 7.38
N PHE C 151 21.99 -39.55 7.30
CA PHE C 151 22.87 -39.76 8.42
C PHE C 151 23.25 -38.44 9.08
N CYS C 152 23.84 -38.52 10.27
CA CYS C 152 24.23 -37.32 10.97
C CYS C 152 25.44 -37.49 11.89
N VAL C 153 26.19 -36.39 12.05
CA VAL C 153 27.31 -36.29 12.98
C VAL C 153 27.35 -34.88 13.54
N ASP C 154 28.12 -34.73 14.62
CA ASP C 154 28.31 -33.50 15.37
C ASP C 154 29.73 -33.05 15.10
N SER C 155 29.88 -31.80 14.68
CA SER C 155 31.22 -31.28 14.35
C SER C 155 32.13 -31.01 15.57
N ILE C 156 31.57 -30.92 16.76
CA ILE C 156 32.38 -30.78 17.97
C ILE C 156 33.22 -32.03 18.18
N ALA C 157 32.64 -33.20 18.01
CA ALA C 157 33.39 -34.42 18.15
C ALA C 157 34.45 -34.54 17.05
N ALA C 158 34.08 -34.13 15.84
CA ALA C 158 35.00 -34.17 14.70
C ALA C 158 36.23 -33.33 14.96
N LEU C 159 36.02 -32.08 15.30
CA LEU C 159 37.14 -31.18 15.50
C LEU C 159 38.01 -31.53 16.71
N LYS C 160 37.40 -32.12 17.73
CA LYS C 160 38.16 -32.65 18.87
C LYS C 160 39.12 -33.70 18.38
N ALA C 161 38.57 -34.64 17.60
CA ALA C 161 39.36 -35.71 17.01
C ALA C 161 40.50 -35.13 16.23
N LEU C 162 40.19 -34.16 15.37
CA LEU C 162 41.19 -33.59 14.47
C LEU C 162 42.29 -32.79 15.14
N GLU C 163 42.01 -32.20 16.30
CA GLU C 163 42.98 -31.36 16.99
C GLU C 163 44.03 -32.10 17.85
N GLN C 164 43.87 -33.42 18.06
CA GLN C 164 44.96 -34.27 18.59
C GLN C 164 46.15 -34.43 17.63
N ALA C 165 45.95 -34.11 16.35
CA ALA C 165 47.06 -33.99 15.39
C ALA C 165 48.06 -32.86 15.69
N SER C 166 47.73 -31.93 16.61
CA SER C 166 48.68 -30.92 17.11
C SER C 166 49.34 -31.31 18.45
N SER C 167 48.54 -31.50 19.51
CA SER C 167 49.07 -31.90 20.84
C SER C 167 48.01 -32.58 21.71
N GLY C 172 48.40 -23.45 27.63
CA GLY C 172 47.43 -24.05 28.53
C GLY C 172 47.00 -25.46 28.17
N SER C 173 45.94 -25.90 28.83
CA SER C 173 45.35 -27.23 28.66
C SER C 173 43.87 -27.28 28.23
N ARG C 174 43.06 -26.32 28.70
CA ARG C 174 41.58 -26.38 28.56
C ARG C 174 41.15 -25.56 27.34
N LYS C 175 40.93 -26.21 26.20
CA LYS C 175 40.48 -25.55 24.98
C LYS C 175 39.00 -25.65 24.71
N SER C 176 38.34 -24.54 24.42
CA SER C 176 36.90 -24.52 24.08
C SER C 176 36.60 -24.99 22.68
N TYR C 177 35.48 -25.68 22.55
CA TYR C 177 34.96 -26.17 21.28
C TYR C 177 33.62 -25.54 20.91
N SER C 178 33.37 -24.33 21.39
CA SER C 178 32.33 -23.49 20.81
C SER C 178 32.74 -23.12 19.38
N LEU C 179 31.75 -22.93 18.50
CA LEU C 179 32.03 -22.60 17.11
C LEU C 179 33.13 -21.53 16.93
N GLY C 180 32.90 -20.35 17.52
CA GLY C 180 33.81 -19.21 17.39
C GLY C 180 35.19 -19.36 18.01
N SER C 181 35.30 -20.14 19.07
CA SER C 181 36.61 -20.41 19.67
C SER C 181 37.46 -21.17 18.67
N ILE C 182 36.85 -22.17 18.02
CA ILE C 182 37.53 -23.07 17.09
C ILE C 182 38.08 -22.29 15.89
N TYR C 183 37.22 -21.54 15.22
CA TYR C 183 37.59 -20.66 14.09
C TYR C 183 38.76 -19.73 14.41
N THR C 184 38.62 -18.99 15.50
CA THR C 184 39.66 -18.07 15.92
C THR C 184 40.92 -18.85 16.26
N ARG C 185 40.78 -19.98 16.91
CA ARG C 185 41.98 -20.82 17.19
C ARG C 185 42.67 -21.34 15.92
N LEU C 186 41.90 -21.71 14.90
CA LEU C 186 42.45 -22.20 13.65
C LEU C 186 42.97 -21.09 12.73
N TYR C 187 42.22 -19.99 12.61
CA TYR C 187 42.49 -18.95 11.60
C TYR C 187 42.93 -17.58 12.15
N TRP C 188 42.83 -17.38 13.45
CA TRP C 188 43.24 -16.14 14.07
C TRP C 188 42.57 -14.90 13.52
N GLN C 189 41.29 -15.05 13.23
CA GLN C 189 40.41 -13.92 12.99
C GLN C 189 39.11 -14.19 13.69
N ALA C 190 38.33 -13.14 13.91
CA ALA C 190 36.96 -13.34 14.37
C ALA C 190 36.16 -13.86 13.19
N PRO C 191 35.15 -14.72 13.42
CA PRO C 191 34.17 -15.00 12.38
C PRO C 191 33.17 -13.85 12.26
N THR C 192 32.17 -14.03 11.38
CA THR C 192 31.17 -13.00 11.07
C THR C 192 29.72 -13.53 10.95
N ASP C 193 28.79 -12.57 10.86
CA ASP C 193 27.31 -12.77 10.94
C ASP C 193 26.96 -13.83 11.99
N SER C 194 27.26 -13.48 13.23
CA SER C 194 27.06 -14.36 14.37
C SER C 194 25.57 -14.52 14.65
N HIS C 195 25.19 -15.73 15.04
CA HIS C 195 23.80 -16.05 15.39
C HIS C 195 22.83 -15.59 14.31
N THR C 196 23.18 -15.91 13.06
CA THR C 196 22.25 -15.91 11.95
C THR C 196 22.38 -17.31 11.36
N ALA C 197 21.28 -17.97 11.05
CA ALA C 197 21.37 -19.36 10.66
C ALA C 197 22.47 -19.60 9.60
N GLU C 198 22.53 -18.73 8.60
CA GLU C 198 23.44 -18.90 7.48
C GLU C 198 24.85 -18.48 7.83
N GLY C 199 25.00 -17.39 8.55
CA GLY C 199 26.30 -16.97 8.96
C GLY C 199 27.07 -18.05 9.67
N ASP C 200 26.45 -18.65 10.68
CA ASP C 200 27.13 -19.69 11.46
C ASP C 200 27.31 -21.00 10.67
N VAL C 201 26.45 -21.30 9.70
CA VAL C 201 26.71 -22.43 8.78
C VAL C 201 27.98 -22.21 7.99
N LEU C 202 28.18 -21.01 7.48
CA LEU C 202 29.37 -20.71 6.71
C LEU C 202 30.65 -20.76 7.57
N THR C 203 30.57 -20.20 8.78
CA THR C 203 31.62 -20.40 9.77
C THR C 203 31.91 -21.88 9.97
N LEU C 204 30.88 -22.69 10.21
CA LEU C 204 31.07 -24.14 10.37
C LEU C 204 31.77 -24.81 9.16
N LEU C 205 31.30 -24.45 7.97
CA LEU C 205 31.92 -24.92 6.74
C LEU C 205 33.41 -24.65 6.74
N SER C 206 33.78 -23.41 7.06
CA SER C 206 35.20 -23.04 7.07
C SER C 206 36.08 -23.91 7.98
N ILE C 207 35.61 -24.17 9.20
CA ILE C 207 36.36 -25.03 10.14
C ILE C 207 36.40 -26.49 9.69
N CYS C 208 35.36 -26.96 9.01
CA CYS C 208 35.41 -28.31 8.44
C CYS C 208 36.35 -28.42 7.26
N GLN C 209 36.41 -27.37 6.42
CA GLN C 209 37.39 -27.31 5.32
C GLN C 209 38.87 -27.19 5.72
N TRP C 210 39.21 -27.15 7.02
CA TRP C 210 40.59 -26.99 7.54
C TRP C 210 41.49 -28.15 7.16
N LYS C 211 40.98 -29.35 7.42
CA LYS C 211 41.63 -30.61 7.04
C LYS C 211 40.57 -31.49 6.39
N PRO C 212 40.24 -31.19 5.12
CA PRO C 212 39.04 -31.80 4.50
C PRO C 212 39.07 -33.33 4.49
N GLN C 213 40.15 -33.89 3.95
CA GLN C 213 40.41 -35.33 3.91
C GLN C 213 40.17 -36.03 5.27
N ALA C 214 40.69 -35.43 6.36
CA ALA C 214 40.66 -36.05 7.68
C ALA C 214 39.28 -35.98 8.25
N LEU C 215 38.58 -34.89 7.90
CA LEU C 215 37.20 -34.72 8.28
C LEU C 215 36.34 -35.81 7.67
N LEU C 216 36.42 -35.95 6.33
CA LEU C 216 35.58 -36.92 5.63
C LEU C 216 35.81 -38.31 6.17
N GLN C 217 37.09 -38.66 6.39
CA GLN C 217 37.46 -39.91 7.03
C GLN C 217 36.69 -40.09 8.34
N TRP C 218 36.73 -39.08 9.19
CA TRP C 218 36.09 -39.17 10.46
C TRP C 218 34.58 -39.26 10.34
N VAL C 219 34.00 -38.56 9.37
CA VAL C 219 32.53 -38.58 9.21
C VAL C 219 32.11 -39.95 8.73
N ASP C 220 32.82 -40.47 7.72
CA ASP C 220 32.63 -41.85 7.28
C ASP C 220 32.64 -42.84 8.43
N GLU C 221 33.60 -42.69 9.34
CA GLU C 221 33.66 -43.60 10.46
C GLU C 221 32.50 -43.42 11.43
N HIS C 222 32.06 -42.18 11.67
CA HIS C 222 31.12 -41.88 12.79
C HIS C 222 29.65 -41.59 12.46
N ALA C 223 29.34 -41.42 11.18
CA ALA C 223 27.97 -41.16 10.77
C ALA C 223 27.02 -42.19 11.36
N ARG C 224 25.87 -41.73 11.81
CA ARG C 224 24.82 -42.62 12.28
C ARG C 224 23.52 -42.11 11.66
N PRO C 225 22.48 -42.97 11.55
CA PRO C 225 21.23 -42.56 10.90
C PRO C 225 20.45 -41.54 11.74
N PHE C 226 19.91 -40.51 11.11
CA PHE C 226 19.09 -39.53 11.80
C PHE C 226 17.85 -40.12 12.49
N SER C 227 17.29 -41.18 11.91
CA SER C 227 16.16 -41.91 12.52
C SER C 227 16.43 -42.34 13.97
N THR C 228 17.69 -42.62 14.33
CA THR C 228 18.03 -42.99 15.70
C THR C 228 18.04 -41.81 16.71
N VAL C 229 18.11 -40.57 16.22
CA VAL C 229 18.14 -39.39 17.10
C VAL C 229 16.83 -39.26 17.84
N LYS C 230 16.89 -39.14 19.15
CA LYS C 230 15.67 -39.03 19.94
C LYS C 230 15.19 -37.57 20.03
N PRO C 231 13.88 -37.30 19.88
CA PRO C 231 13.34 -35.92 20.02
C PRO C 231 13.71 -35.23 21.31
N MET C 232 13.89 -33.93 21.27
CA MET C 232 14.17 -33.13 22.46
C MET C 232 13.02 -33.24 23.48
N TYR C 233 11.80 -33.07 22.98
CA TYR C 233 10.58 -33.23 23.77
C TYR C 233 9.45 -33.78 22.87
N GLY C 234 8.32 -34.13 23.48
CA GLY C 234 7.22 -34.77 22.73
C GLY C 234 5.97 -34.21 23.39
N THR C 235 4.81 -34.60 22.88
CA THR C 235 3.54 -34.15 23.42
C THR C 235 2.97 -35.14 24.43
N THR D 5 -3.98 2.94 -12.45
CA THR D 5 -4.47 1.74 -11.70
C THR D 5 -3.31 0.88 -11.15
N LEU D 6 -3.65 -0.11 -10.30
CA LEU D 6 -2.73 -1.19 -9.85
C LEU D 6 -3.33 -2.54 -10.27
N PRO D 7 -2.80 -3.13 -11.36
CA PRO D 7 -3.52 -4.24 -12.01
C PRO D 7 -3.75 -5.48 -11.12
N HIS D 8 -2.78 -5.85 -10.27
CA HIS D 8 -2.86 -7.07 -9.45
C HIS D 8 -2.76 -6.88 -7.94
N GLY D 9 -2.72 -5.63 -7.48
CA GLY D 9 -2.59 -5.29 -6.05
C GLY D 9 -1.19 -4.87 -5.68
N HIS D 10 -1.01 -4.53 -4.40
CA HIS D 10 0.32 -4.34 -3.84
C HIS D 10 0.98 -5.71 -3.78
N MET D 11 2.24 -5.77 -4.18
CA MET D 11 3.01 -7.00 -4.06
C MET D 11 3.48 -7.16 -2.63
N GLN D 12 3.17 -8.32 -2.04
CA GLN D 12 3.59 -8.62 -0.68
C GLN D 12 4.97 -9.23 -0.59
N THR D 13 5.41 -9.94 -1.65
CA THR D 13 6.76 -10.52 -1.70
C THR D 13 7.43 -10.30 -3.04
N LEU D 14 8.62 -9.71 -3.00
CA LEU D 14 9.56 -9.72 -4.14
C LEU D 14 10.52 -10.89 -3.99
N ILE D 15 10.66 -11.69 -5.04
CA ILE D 15 11.64 -12.75 -5.10
C ILE D 15 12.60 -12.34 -6.18
N PHE D 16 13.79 -11.95 -5.76
CA PHE D 16 14.86 -11.62 -6.67
C PHE D 16 15.40 -12.94 -7.22
N LEU D 17 15.52 -13.00 -8.55
CA LEU D 17 15.92 -14.22 -9.28
C LEU D 17 17.13 -13.98 -10.22
N ASN D 18 18.02 -14.97 -10.30
CA ASN D 18 19.12 -14.95 -11.27
C ASN D 18 19.57 -16.35 -11.65
N LEU D 19 19.86 -16.50 -12.95
CA LEU D 19 20.24 -17.78 -13.52
C LEU D 19 21.64 -17.74 -14.08
N GLU D 20 22.30 -18.89 -14.03
CA GLU D 20 23.45 -19.14 -14.90
C GLU D 20 23.06 -20.28 -15.84
N ALA D 21 23.68 -20.28 -17.02
CA ALA D 21 23.30 -21.18 -18.10
C ALA D 21 24.49 -21.60 -18.93
N THR D 22 24.22 -22.43 -19.94
CA THR D 22 25.27 -22.94 -20.85
C THR D 22 25.71 -21.91 -21.88
N GLY D 23 24.89 -20.89 -22.12
CA GLY D 23 25.29 -19.79 -22.97
C GLY D 23 24.28 -18.68 -23.11
N LEU D 24 24.12 -18.16 -24.32
CA LEU D 24 23.21 -17.04 -24.61
C LEU D 24 21.98 -17.50 -25.40
N PRO D 25 20.98 -16.61 -25.62
CA PRO D 25 19.71 -17.04 -26.26
C PRO D 25 19.76 -17.74 -27.64
N SER D 26 20.75 -17.39 -28.47
CA SER D 26 20.96 -18.06 -29.76
C SER D 26 21.24 -19.55 -29.60
N SER D 27 22.00 -19.90 -28.56
CA SER D 27 22.49 -21.24 -28.37
C SER D 27 21.44 -22.29 -27.95
N ARG D 28 20.21 -21.87 -27.69
CA ARG D 28 19.21 -22.71 -27.03
C ARG D 28 19.72 -23.28 -25.68
N PRO D 29 20.23 -22.37 -24.81
CA PRO D 29 20.98 -22.72 -23.60
C PRO D 29 20.13 -23.40 -22.55
N GLU D 30 20.79 -24.02 -21.57
CA GLU D 30 20.14 -24.69 -20.45
C GLU D 30 20.70 -24.20 -19.13
N VAL D 31 19.89 -24.26 -18.08
CA VAL D 31 20.17 -23.62 -16.80
C VAL D 31 21.14 -24.50 -16.05
N THR D 32 22.19 -23.87 -15.55
CA THR D 32 23.21 -24.56 -14.77
C THR D 32 23.17 -24.28 -13.26
N GLU D 33 22.66 -23.12 -12.86
CA GLU D 33 22.59 -22.72 -11.48
C GLU D 33 21.36 -21.83 -11.40
N LEU D 34 20.79 -21.73 -10.21
CA LEU D 34 19.54 -21.01 -9.97
C LEU D 34 19.54 -20.47 -8.56
N CYS D 35 19.29 -19.18 -8.39
CA CYS D 35 19.15 -18.61 -7.04
C CYS D 35 17.91 -17.73 -6.89
N LEU D 36 17.21 -17.93 -5.77
CA LEU D 36 16.01 -17.17 -5.45
C LEU D 36 16.27 -16.58 -4.11
N LEU D 37 15.83 -15.34 -3.93
CA LEU D 37 15.97 -14.67 -2.66
C LEU D 37 14.69 -13.91 -2.39
N ALA D 38 13.84 -14.44 -1.52
CA ALA D 38 12.52 -13.85 -1.28
C ALA D 38 12.59 -12.81 -0.17
N VAL D 39 12.07 -11.61 -0.43
CA VAL D 39 12.07 -10.55 0.59
C VAL D 39 10.67 -9.98 0.72
N HIS D 40 10.20 -9.87 1.96
CA HIS D 40 8.87 -9.28 2.22
C HIS D 40 8.90 -7.77 1.96
N ARG D 41 7.76 -7.29 1.51
CA ARG D 41 7.51 -5.88 1.32
C ARG D 41 7.96 -4.92 2.45
N ARG D 42 7.70 -5.33 3.67
CA ARG D 42 8.04 -4.54 4.86
C ARG D 42 9.54 -4.55 5.10
N ALA D 43 10.16 -5.72 4.98
CA ALA D 43 11.62 -5.85 5.13
C ALA D 43 12.37 -4.92 4.19
N LEU D 44 11.79 -4.68 3.02
CA LEU D 44 12.35 -3.77 2.03
C LEU D 44 12.09 -2.29 2.40
N GLU D 45 10.84 -1.96 2.76
CA GLU D 45 10.47 -0.60 3.24
C GLU D 45 11.36 -0.16 4.41
N ASN D 46 11.61 -1.09 5.33
CA ASN D 46 12.43 -0.83 6.52
C ASN D 46 13.95 -0.78 6.25
N THR D 47 14.36 -0.88 4.99
CA THR D 47 15.72 -0.49 4.57
C THR D 47 15.97 0.98 4.96
N SER D 48 17.15 1.24 5.55
CA SER D 48 17.54 2.60 5.98
C SER D 48 17.80 3.52 4.77
N ILE D 49 17.47 4.80 4.89
CA ILE D 49 17.33 5.70 3.71
C ILE D 49 18.68 6.19 3.22
N SER D 50 18.94 5.99 1.92
CA SER D 50 20.24 6.32 1.30
C SER D 50 20.52 7.85 1.22
N GLN D 51 21.60 8.30 1.88
CA GLN D 51 22.04 9.72 1.90
C GLN D 51 23.55 9.87 1.67
N GLY D 52 23.96 11.07 1.25
CA GLY D 52 25.38 11.36 0.94
C GLY D 52 25.72 10.91 -0.47
N HIS D 53 26.98 11.06 -0.86
CA HIS D 53 27.40 10.66 -2.20
C HIS D 53 28.87 10.19 -2.22
N PRO D 54 29.17 8.84 -2.48
CA PRO D 54 28.01 7.94 -2.70
C PRO D 54 27.36 7.55 -1.39
N PRO D 55 26.36 6.67 -1.45
CA PRO D 55 25.68 6.24 -0.24
C PRO D 55 26.27 4.91 -0.02
N PRO D 56 26.38 4.58 1.21
CA PRO D 56 26.88 3.21 1.51
C PRO D 56 25.93 2.13 0.96
N VAL D 57 26.50 0.99 0.57
CA VAL D 57 25.72 -0.15 0.02
C VAL D 57 24.73 -0.58 1.10
N PRO D 58 23.41 -0.65 0.80
CA PRO D 58 22.50 -1.03 1.90
C PRO D 58 22.76 -2.45 2.41
N ARG D 59 22.51 -2.67 3.69
CA ARG D 59 22.64 -4.00 4.29
C ARG D 59 21.38 -4.80 3.88
N PRO D 60 21.55 -6.08 3.50
CA PRO D 60 20.33 -6.88 3.26
C PRO D 60 19.46 -6.98 4.52
N PRO D 61 18.14 -7.11 4.38
CA PRO D 61 17.32 -7.29 5.57
C PRO D 61 17.68 -8.53 6.36
N ARG D 62 17.37 -8.50 7.64
CA ARG D 62 17.58 -9.63 8.52
C ARG D 62 16.77 -10.80 7.99
N VAL D 63 15.49 -10.58 7.74
CA VAL D 63 14.59 -11.63 7.31
C VAL D 63 14.47 -11.77 5.79
N VAL D 64 14.92 -12.91 5.30
CA VAL D 64 15.01 -13.24 3.88
C VAL D 64 15.01 -14.77 3.72
N ASP D 65 14.31 -15.30 2.73
CA ASP D 65 14.37 -16.74 2.40
C ASP D 65 15.26 -16.85 1.17
N LYS D 66 16.11 -17.86 1.14
CA LYS D 66 17.10 -17.97 0.07
C LYS D 66 17.28 -19.39 -0.37
N LEU D 67 17.29 -19.57 -1.69
CA LEU D 67 17.47 -20.88 -2.32
C LEU D 67 18.48 -20.81 -3.47
N SER D 68 19.57 -21.60 -3.37
CA SER D 68 20.62 -21.69 -4.40
C SER D 68 20.86 -23.13 -4.77
N LEU D 69 20.72 -23.45 -6.06
CA LEU D 69 20.93 -24.80 -6.57
C LEU D 69 21.79 -24.83 -7.84
N CYS D 70 22.74 -25.75 -7.87
CA CYS D 70 23.42 -26.11 -9.12
C CYS D 70 22.70 -27.26 -9.78
N ILE D 71 22.68 -27.17 -11.11
CA ILE D 71 21.82 -27.96 -12.00
C ILE D 71 22.68 -28.51 -13.16
N ALA D 72 22.60 -29.82 -13.40
CA ALA D 72 23.33 -30.50 -14.48
C ALA D 72 22.61 -30.22 -15.79
N PRO D 73 23.29 -29.63 -16.79
CA PRO D 73 22.60 -29.42 -18.07
C PRO D 73 22.67 -30.69 -18.92
N GLY D 74 21.84 -30.77 -19.96
CA GLY D 74 21.94 -31.88 -20.95
C GLY D 74 22.95 -31.69 -22.10
N LYS D 75 23.64 -30.56 -22.13
CA LYS D 75 24.58 -30.22 -23.17
C LYS D 75 25.73 -29.46 -22.53
N ALA D 76 26.87 -29.41 -23.20
CA ALA D 76 28.04 -28.74 -22.65
C ALA D 76 27.82 -27.22 -22.58
N CYS D 77 28.62 -26.58 -21.74
CA CYS D 77 28.64 -25.12 -21.70
C CYS D 77 29.52 -24.65 -22.83
N SER D 78 29.35 -23.40 -23.24
CA SER D 78 30.31 -22.77 -24.12
C SER D 78 31.61 -22.50 -23.36
N PRO D 79 32.75 -22.43 -24.06
CA PRO D 79 34.02 -21.99 -23.42
C PRO D 79 33.93 -20.60 -22.73
N GLY D 80 33.16 -19.68 -23.31
CA GLY D 80 32.91 -18.37 -22.68
C GLY D 80 32.02 -18.38 -21.44
N ALA D 81 30.91 -19.13 -21.51
CA ALA D 81 30.03 -19.27 -20.37
C ALA D 81 30.75 -19.97 -19.18
N SER D 82 31.34 -21.14 -19.40
CA SER D 82 32.01 -21.87 -18.31
C SER D 82 33.26 -21.19 -17.76
N GLU D 83 33.82 -20.24 -18.50
CA GLU D 83 34.85 -19.36 -17.98
C GLU D 83 34.21 -18.43 -16.96
N ILE D 84 33.18 -17.71 -17.42
CA ILE D 84 32.61 -16.59 -16.64
C ILE D 84 31.83 -17.04 -15.38
N THR D 85 31.16 -18.19 -15.46
CA THR D 85 30.40 -18.75 -14.32
C THR D 85 31.17 -19.68 -13.41
N GLY D 86 32.34 -20.17 -13.83
CA GLY D 86 33.12 -21.10 -13.03
C GLY D 86 32.56 -22.51 -12.97
N LEU D 87 31.53 -22.80 -13.76
CA LEU D 87 30.86 -24.09 -13.75
C LEU D 87 31.14 -24.76 -15.07
N SER D 88 30.99 -26.10 -15.09
CA SER D 88 31.06 -26.92 -16.32
C SER D 88 30.25 -28.21 -16.14
N LYS D 89 29.73 -28.74 -17.24
CA LYS D 89 28.87 -29.93 -17.22
C LYS D 89 29.61 -31.14 -16.68
N ALA D 90 30.89 -31.24 -17.04
CA ALA D 90 31.77 -32.30 -16.57
C ALA D 90 31.77 -32.31 -15.05
N GLU D 91 32.08 -31.15 -14.47
CA GLU D 91 32.18 -31.01 -13.01
C GLU D 91 30.85 -31.25 -12.31
N LEU D 92 29.79 -30.59 -12.79
CA LEU D 92 28.45 -30.78 -12.23
C LEU D 92 28.04 -32.24 -12.21
N GLU D 93 28.45 -33.02 -13.23
CA GLU D 93 28.15 -34.47 -13.30
C GLU D 93 29.02 -35.33 -12.39
N VAL D 94 30.30 -34.98 -12.22
CA VAL D 94 31.16 -35.71 -11.29
C VAL D 94 30.63 -35.53 -9.87
N GLN D 95 30.06 -34.35 -9.57
CA GLN D 95 29.44 -34.02 -8.25
C GLN D 95 28.00 -34.48 -8.07
N GLY D 96 27.47 -35.23 -9.04
CA GLY D 96 26.15 -35.84 -8.95
C GLY D 96 24.97 -34.91 -9.01
N ARG D 97 25.13 -33.70 -9.54
CA ARG D 97 24.01 -32.76 -9.67
C ARG D 97 22.98 -33.36 -10.62
N GLN D 98 21.72 -32.98 -10.45
CA GLN D 98 20.63 -33.55 -11.24
C GLN D 98 20.16 -32.59 -12.32
N ARG D 99 19.35 -33.13 -13.24
CA ARG D 99 18.74 -32.34 -14.32
C ARG D 99 17.69 -31.41 -13.75
N PHE D 100 17.23 -30.48 -14.58
CA PHE D 100 16.05 -29.67 -14.27
C PHE D 100 14.87 -30.63 -14.43
N ASP D 101 14.40 -31.19 -13.31
CA ASP D 101 13.40 -32.27 -13.36
C ASP D 101 12.13 -31.97 -12.54
N ASP D 102 11.18 -32.90 -12.59
CA ASP D 102 9.90 -32.79 -11.85
C ASP D 102 10.10 -32.50 -10.38
N ASN D 103 11.10 -33.14 -9.80
CA ASN D 103 11.43 -32.91 -8.41
C ASN D 103 11.84 -31.46 -8.17
N LEU D 104 12.66 -30.90 -9.07
CA LEU D 104 13.06 -29.50 -8.95
C LEU D 104 11.84 -28.57 -9.00
N ALA D 105 10.86 -28.92 -9.81
CA ALA D 105 9.61 -28.17 -9.83
C ALA D 105 8.89 -28.20 -8.50
N ILE D 106 8.87 -29.37 -7.86
CA ILE D 106 8.19 -29.55 -6.57
C ILE D 106 8.85 -28.64 -5.52
N LEU D 107 10.17 -28.66 -5.55
CA LEU D 107 11.02 -27.86 -4.68
C LEU D 107 10.64 -26.40 -4.83
N LEU D 108 10.70 -25.90 -6.07
CA LEU D 108 10.34 -24.50 -6.32
C LEU D 108 8.92 -24.12 -5.90
N ARG D 109 7.98 -25.02 -6.09
CA ARG D 109 6.61 -24.79 -5.68
C ARG D 109 6.54 -24.53 -4.18
N ALA D 110 7.26 -25.34 -3.42
CA ALA D 110 7.14 -25.34 -1.98
C ALA D 110 7.81 -24.13 -1.39
N PHE D 111 8.91 -23.72 -2.01
CA PHE D 111 9.55 -22.50 -1.62
C PHE D 111 8.61 -21.32 -1.82
N LEU D 112 8.00 -21.26 -2.99
CA LEU D 112 7.13 -20.15 -3.34
C LEU D 112 5.96 -20.09 -2.38
N GLN D 113 5.34 -21.24 -2.17
CA GLN D 113 4.15 -21.34 -1.33
C GLN D 113 4.37 -20.77 0.06
N ARG D 114 5.62 -20.83 0.53
CA ARG D 114 6.04 -20.22 1.82
C ARG D 114 6.06 -18.70 1.86
N GLN D 115 5.92 -18.05 0.70
CA GLN D 115 5.86 -16.58 0.60
C GLN D 115 4.42 -16.10 0.50
N PRO D 116 4.06 -15.00 1.21
CA PRO D 116 2.72 -14.47 1.10
C PRO D 116 2.50 -13.78 -0.23
N GLN D 117 1.26 -13.83 -0.69
CA GLN D 117 0.87 -13.40 -2.03
C GLN D 117 0.19 -12.03 -1.96
N PRO D 118 0.20 -11.25 -3.05
CA PRO D 118 0.78 -11.62 -4.34
C PRO D 118 2.34 -11.52 -4.38
N CYS D 119 2.96 -12.44 -5.13
CA CYS D 119 4.42 -12.51 -5.34
C CYS D 119 4.85 -11.99 -6.72
N CYS D 120 5.89 -11.16 -6.75
CA CYS D 120 6.46 -10.74 -7.99
C CYS D 120 7.92 -11.13 -8.05
N LEU D 121 8.28 -11.93 -9.05
CA LEU D 121 9.68 -12.19 -9.39
C LEU D 121 10.34 -10.94 -9.92
N VAL D 122 11.65 -10.82 -9.69
CA VAL D 122 12.45 -9.69 -10.15
C VAL D 122 13.76 -10.20 -10.68
N ALA D 123 13.99 -10.03 -11.98
CA ALA D 123 15.24 -10.47 -12.64
C ALA D 123 15.80 -9.42 -13.59
N HIS D 124 17.12 -9.22 -13.54
CA HIS D 124 17.77 -8.24 -14.38
C HIS D 124 17.84 -8.81 -15.79
N ASN D 125 17.25 -8.04 -16.70
CA ASN D 125 17.04 -8.44 -18.06
C ASN D 125 16.10 -9.64 -18.16
N GLY D 126 15.24 -9.81 -17.16
CA GLY D 126 14.41 -11.00 -17.04
C GLY D 126 13.38 -11.22 -18.13
N ASP D 127 12.82 -10.12 -18.65
CA ASP D 127 11.88 -10.14 -19.77
C ASP D 127 12.50 -10.77 -21.00
N ARG D 128 13.78 -10.48 -21.27
CA ARG D 128 14.47 -11.10 -22.42
C ARG D 128 15.13 -12.44 -22.06
N TYR D 129 15.86 -12.51 -20.93
CA TYR D 129 16.70 -13.68 -20.62
C TYR D 129 16.20 -14.76 -19.66
N ASP D 130 15.85 -14.35 -18.44
CA ASP D 130 15.67 -15.30 -17.32
C ASP D 130 14.28 -15.91 -17.35
N PHE D 131 13.28 -15.07 -17.57
CA PHE D 131 11.92 -15.56 -17.55
C PHE D 131 11.65 -16.53 -18.71
N PRO D 132 11.92 -16.12 -19.97
CA PRO D 132 11.72 -17.05 -21.08
C PRO D 132 12.50 -18.36 -20.95
N LEU D 133 13.71 -18.29 -20.44
CA LEU D 133 14.52 -19.49 -20.30
C LEU D 133 13.88 -20.44 -19.31
N LEU D 134 13.47 -19.86 -18.20
CA LEU D 134 12.84 -20.62 -17.13
C LEU D 134 11.53 -21.25 -17.63
N GLN D 135 10.81 -20.47 -18.44
CA GLN D 135 9.57 -20.90 -19.06
C GLN D 135 9.80 -22.11 -19.94
N THR D 136 10.89 -22.06 -20.71
CA THR D 136 11.30 -23.19 -21.56
C THR D 136 11.59 -24.46 -20.75
N GLU D 137 12.38 -24.33 -19.71
CA GLU D 137 12.76 -25.46 -18.87
C GLU D 137 11.55 -26.13 -18.22
N LEU D 138 10.63 -25.29 -17.74
CA LEU D 138 9.42 -25.76 -17.01
C LEU D 138 8.38 -26.37 -17.93
N ALA D 139 8.28 -25.87 -19.15
CA ALA D 139 7.38 -26.45 -20.12
C ALA D 139 7.71 -27.92 -20.48
N ARG D 140 9.00 -28.29 -20.42
CA ARG D 140 9.44 -29.71 -20.63
C ARG D 140 8.84 -30.71 -19.62
N LEU D 141 8.52 -30.24 -18.42
CA LEU D 141 8.23 -31.11 -17.30
C LEU D 141 6.78 -31.56 -17.30
N SER D 142 6.53 -32.64 -16.57
CA SER D 142 5.18 -33.25 -16.47
C SER D 142 4.26 -32.58 -15.48
N THR D 143 4.80 -31.72 -14.63
CA THR D 143 4.05 -31.07 -13.55
C THR D 143 3.38 -29.82 -14.11
N PRO D 144 2.43 -29.24 -13.36
CA PRO D 144 1.99 -27.88 -13.69
C PRO D 144 3.09 -26.86 -13.33
N SER D 145 3.04 -25.67 -13.91
CA SER D 145 4.05 -24.64 -13.62
C SER D 145 4.01 -24.27 -12.15
N PRO D 146 5.13 -24.41 -11.42
CA PRO D 146 5.09 -23.90 -10.05
C PRO D 146 4.83 -22.41 -9.97
N LEU D 147 5.02 -21.68 -11.05
CA LEU D 147 4.91 -20.22 -11.04
C LEU D 147 3.53 -19.66 -11.43
N ASP D 148 2.53 -20.52 -11.64
CA ASP D 148 1.16 -20.03 -11.92
C ASP D 148 0.63 -19.37 -10.67
N GLY D 149 0.11 -18.16 -10.83
CA GLY D 149 -0.21 -17.29 -9.71
C GLY D 149 0.84 -16.23 -9.41
N THR D 150 2.07 -16.40 -9.91
CA THR D 150 3.18 -15.49 -9.60
C THR D 150 3.39 -14.46 -10.70
N PHE D 151 3.78 -13.25 -10.29
CA PHE D 151 4.00 -12.13 -11.18
C PHE D 151 5.49 -11.89 -11.39
N CYS D 152 5.84 -11.04 -12.34
CA CYS D 152 7.24 -10.84 -12.71
C CYS D 152 7.46 -9.48 -13.31
N VAL D 153 8.66 -8.95 -13.10
CA VAL D 153 9.11 -7.68 -13.69
C VAL D 153 10.60 -7.73 -13.98
N ASP D 154 11.04 -6.81 -14.83
CA ASP D 154 12.43 -6.66 -15.22
C ASP D 154 12.99 -5.46 -14.49
N SER D 155 14.12 -5.65 -13.82
CA SER D 155 14.76 -4.59 -12.99
C SER D 155 15.49 -3.48 -13.77
N ILE D 156 15.81 -3.74 -15.04
CA ILE D 156 16.37 -2.71 -15.91
C ILE D 156 15.34 -1.59 -16.08
N ALA D 157 14.11 -1.93 -16.47
CA ALA D 157 13.01 -0.94 -16.64
C ALA D 157 12.73 -0.18 -15.35
N ALA D 158 12.75 -0.89 -14.23
CA ALA D 158 12.56 -0.29 -12.94
C ALA D 158 13.59 0.79 -12.72
N LEU D 159 14.86 0.47 -12.90
CA LEU D 159 15.93 1.41 -12.55
C LEU D 159 16.13 2.58 -13.54
N LYS D 160 15.91 2.33 -14.84
CA LYS D 160 15.74 3.41 -15.81
C LYS D 160 14.76 4.42 -15.28
N ALA D 161 13.55 3.96 -14.97
CA ALA D 161 12.48 4.79 -14.42
C ALA D 161 12.95 5.61 -13.22
N LEU D 162 13.53 4.93 -12.24
CA LEU D 162 13.96 5.58 -10.99
C LEU D 162 15.15 6.56 -11.15
N GLU D 163 15.95 6.41 -12.22
CA GLU D 163 17.07 7.34 -12.48
C GLU D 163 16.68 8.62 -13.24
N GLN D 164 15.37 8.84 -13.47
CA GLN D 164 14.88 10.17 -13.82
C GLN D 164 14.70 11.16 -12.62
N ALA D 165 15.13 10.75 -11.43
CA ALA D 165 15.44 11.68 -10.32
C ALA D 165 16.04 12.99 -10.85
N SER D 173 21.09 11.75 -20.57
CA SER D 173 22.08 11.01 -19.76
C SER D 173 21.91 9.52 -20.09
N ARG D 174 22.49 9.09 -21.21
CA ARG D 174 22.27 7.72 -21.75
C ARG D 174 23.43 6.76 -21.37
N LYS D 175 23.32 6.26 -20.13
CA LYS D 175 24.32 5.45 -19.44
C LYS D 175 23.95 3.96 -19.60
N SER D 176 24.88 3.06 -19.30
CA SER D 176 24.57 1.61 -19.25
C SER D 176 23.64 1.22 -18.08
N TYR D 177 22.78 0.23 -18.32
CA TYR D 177 21.95 -0.38 -17.27
C TYR D 177 22.33 -1.85 -17.04
N SER D 178 23.58 -2.19 -17.37
CA SER D 178 24.08 -3.51 -17.01
C SER D 178 24.20 -3.50 -15.50
N LEU D 179 23.96 -4.67 -14.91
CA LEU D 179 23.88 -4.83 -13.46
C LEU D 179 25.02 -4.11 -12.70
N GLY D 180 26.25 -4.38 -13.11
CA GLY D 180 27.47 -3.77 -12.56
C GLY D 180 27.62 -2.29 -12.90
N SER D 181 27.20 -1.88 -14.10
CA SER D 181 27.23 -0.46 -14.44
C SER D 181 26.35 0.33 -13.45
N ILE D 182 25.21 -0.24 -13.08
CA ILE D 182 24.28 0.46 -12.20
C ILE D 182 24.86 0.52 -10.80
N TYR D 183 25.33 -0.63 -10.32
CA TYR D 183 25.91 -0.73 -8.98
C TYR D 183 27.09 0.25 -8.81
N THR D 184 28.02 0.24 -9.78
CA THR D 184 29.18 1.16 -9.73
C THR D 184 28.66 2.61 -9.79
N ARG D 185 27.67 2.86 -10.64
CA ARG D 185 27.09 4.19 -10.70
C ARG D 185 26.56 4.64 -9.36
N LEU D 186 25.66 3.84 -8.79
CA LEU D 186 24.99 4.21 -7.54
C LEU D 186 25.89 4.14 -6.30
N TYR D 187 26.92 3.28 -6.32
CA TYR D 187 27.68 2.97 -5.10
C TYR D 187 29.20 3.15 -5.17
N TRP D 188 29.74 3.32 -6.38
CA TRP D 188 31.15 3.73 -6.65
C TRP D 188 32.17 2.61 -6.36
N GLN D 189 31.63 1.40 -6.24
CA GLN D 189 32.42 0.22 -5.93
C GLN D 189 32.13 -0.78 -7.00
N ALA D 190 33.10 -1.66 -7.22
CA ALA D 190 32.92 -2.86 -8.01
C ALA D 190 32.11 -3.88 -7.20
N PRO D 191 31.05 -4.48 -7.82
CA PRO D 191 30.31 -5.59 -7.17
C PRO D 191 31.18 -6.85 -7.16
N THR D 192 30.92 -7.77 -6.24
CA THR D 192 31.95 -8.75 -5.88
C THR D 192 32.06 -10.19 -6.45
N ASP D 193 31.00 -11.01 -6.31
CA ASP D 193 31.06 -12.45 -6.68
C ASP D 193 30.40 -12.45 -8.06
N SER D 194 31.21 -12.12 -9.06
CA SER D 194 30.75 -11.84 -10.40
C SER D 194 30.35 -13.15 -11.12
N HIS D 195 29.17 -13.17 -11.73
CA HIS D 195 28.61 -14.35 -12.46
C HIS D 195 28.54 -15.68 -11.71
N THR D 196 28.15 -15.59 -10.43
CA THR D 196 27.63 -16.72 -9.65
C THR D 196 26.18 -16.30 -9.33
N ALA D 197 25.25 -17.22 -9.47
CA ALA D 197 23.82 -16.94 -9.31
C ALA D 197 23.51 -16.05 -8.10
N GLU D 198 24.03 -16.46 -6.95
CA GLU D 198 23.75 -15.79 -5.70
C GLU D 198 24.42 -14.43 -5.62
N GLY D 199 25.68 -14.36 -6.03
CA GLY D 199 26.41 -13.10 -6.04
C GLY D 199 25.62 -12.01 -6.73
N ASP D 200 25.35 -12.22 -8.01
CA ASP D 200 24.63 -11.24 -8.83
C ASP D 200 23.19 -11.01 -8.32
N VAL D 201 22.57 -12.03 -7.70
CA VAL D 201 21.31 -11.82 -6.98
C VAL D 201 21.48 -10.81 -5.85
N LEU D 202 22.56 -10.91 -5.09
CA LEU D 202 22.81 -9.96 -4.00
C LEU D 202 23.14 -8.56 -4.52
N THR D 203 23.93 -8.50 -5.59
CA THR D 203 24.16 -7.24 -6.30
C THR D 203 22.82 -6.59 -6.71
N LEU D 204 21.94 -7.38 -7.30
CA LEU D 204 20.64 -6.86 -7.71
C LEU D 204 19.83 -6.37 -6.53
N LEU D 205 19.87 -7.10 -5.42
CA LEU D 205 19.12 -6.69 -4.24
C LEU D 205 19.57 -5.31 -3.78
N SER D 206 20.88 -5.14 -3.72
CA SER D 206 21.45 -3.86 -3.32
C SER D 206 20.88 -2.73 -4.15
N ILE D 207 20.91 -2.86 -5.48
CA ILE D 207 20.43 -1.77 -6.34
C ILE D 207 18.94 -1.52 -6.09
N CYS D 208 18.13 -2.57 -5.98
CA CYS D 208 16.72 -2.41 -5.67
C CYS D 208 16.44 -1.74 -4.30
N GLN D 209 17.35 -1.95 -3.34
CA GLN D 209 17.30 -1.29 -2.02
C GLN D 209 17.78 0.17 -1.99
N TRP D 210 18.27 0.70 -3.11
CA TRP D 210 18.64 2.10 -3.23
C TRP D 210 17.52 3.08 -2.88
N LYS D 211 16.35 2.91 -3.48
CA LYS D 211 15.21 3.77 -3.22
C LYS D 211 14.01 2.87 -3.05
N PRO D 212 13.95 2.14 -1.92
CA PRO D 212 13.00 1.03 -1.69
C PRO D 212 11.54 1.36 -2.00
N GLN D 213 11.03 2.42 -1.39
CA GLN D 213 9.62 2.79 -1.53
C GLN D 213 9.24 3.10 -3.00
N ALA D 214 10.13 3.78 -3.72
CA ALA D 214 9.92 4.06 -5.15
C ALA D 214 9.87 2.79 -6.01
N LEU D 215 10.74 1.83 -5.67
CA LEU D 215 10.81 0.53 -6.35
C LEU D 215 9.51 -0.27 -6.23
N LEU D 216 9.01 -0.36 -5.00
CA LEU D 216 7.73 -1.01 -4.75
C LEU D 216 6.61 -0.30 -5.50
N GLN D 217 6.63 1.04 -5.48
CA GLN D 217 5.63 1.78 -6.27
C GLN D 217 5.66 1.28 -7.70
N TRP D 218 6.84 1.28 -8.28
CA TRP D 218 7.03 0.84 -9.67
C TRP D 218 6.63 -0.62 -9.92
N VAL D 219 7.03 -1.51 -9.01
CA VAL D 219 6.75 -2.96 -9.16
C VAL D 219 5.23 -3.19 -9.17
N ASP D 220 4.54 -2.53 -8.25
CA ASP D 220 3.10 -2.62 -8.16
C ASP D 220 2.43 -2.23 -9.47
N GLU D 221 3.00 -1.21 -10.13
CA GLU D 221 2.46 -0.70 -11.39
C GLU D 221 2.71 -1.60 -12.59
N HIS D 222 3.88 -2.20 -12.64
CA HIS D 222 4.28 -2.92 -13.83
C HIS D 222 4.23 -4.45 -13.73
N ALA D 223 3.99 -5.00 -12.54
CA ALA D 223 3.89 -6.45 -12.39
C ALA D 223 2.88 -7.05 -13.39
N ARG D 224 3.31 -8.13 -14.06
CA ARG D 224 2.46 -8.91 -14.95
C ARG D 224 2.66 -10.39 -14.62
N PRO D 225 1.65 -11.26 -14.91
CA PRO D 225 1.74 -12.69 -14.57
C PRO D 225 2.85 -13.36 -15.29
N PHE D 226 3.59 -14.22 -14.60
CA PHE D 226 4.60 -15.06 -15.26
C PHE D 226 4.03 -15.92 -16.38
N SER D 227 2.78 -16.39 -16.22
CA SER D 227 2.11 -17.22 -17.25
C SER D 227 1.98 -16.57 -18.66
N THR D 228 2.17 -15.25 -18.76
CA THR D 228 2.17 -14.54 -20.06
C THR D 228 3.54 -14.46 -20.75
N VAL D 229 4.62 -14.74 -20.03
CA VAL D 229 5.95 -14.77 -20.61
C VAL D 229 5.97 -15.92 -21.62
N LYS D 230 6.51 -15.66 -22.80
CA LYS D 230 6.60 -16.69 -23.82
C LYS D 230 7.98 -17.37 -23.75
N PRO D 231 8.04 -18.68 -24.04
CA PRO D 231 9.34 -19.38 -23.99
C PRO D 231 10.44 -18.77 -24.83
N MET D 232 11.69 -19.00 -24.44
CA MET D 232 12.83 -18.57 -25.22
C MET D 232 13.00 -19.44 -26.45
N TYR D 233 12.69 -20.73 -26.30
CA TYR D 233 12.66 -21.67 -27.40
C TYR D 233 11.76 -22.91 -27.13
N GLY D 234 11.42 -23.65 -28.20
CA GLY D 234 10.51 -24.80 -28.14
C GLY D 234 11.25 -26.10 -28.41
N THR D 235 10.49 -27.18 -28.64
CA THR D 235 11.05 -28.55 -28.76
C THR D 235 10.51 -29.29 -29.99
MG MG I . -15.43 17.00 15.86
MG MG J . -19.20 28.01 -15.65
MG MG K . 24.30 -23.64 16.11
MG MG L . 21.00 -11.60 -14.57
O5' TMP M . -16.89 31.22 -28.67
C5' TMP M . -17.83 30.54 -27.79
C4' TMP M . -19.19 30.39 -28.44
O4' TMP M . -19.84 31.56 -29.00
C3' TMP M . -19.53 29.17 -29.31
O3' TMP M . -20.36 28.20 -28.65
C2' TMP M . -20.16 29.78 -30.55
C1' TMP M . -20.64 31.18 -30.11
N1 TMP M . -20.61 32.27 -31.14
C2 TMP M . -19.55 33.17 -31.20
O2 TMP M . -18.58 33.11 -30.47
N3 TMP M . -19.68 34.13 -32.17
C4 TMP M . -20.73 34.29 -33.06
O4 TMP M . -20.69 35.21 -33.89
C5 TMP M . -21.79 33.33 -32.95
C5M TMP M . -22.97 33.43 -33.86
C6 TMP M . -21.68 32.38 -32.00
#